data_5XLB
#
_entry.id   5XLB
#
_cell.length_a   100.522
_cell.length_b   100.522
_cell.length_c   686.346
_cell.angle_alpha   90.00
_cell.angle_beta   90.00
_cell.angle_gamma   120.00
#
_symmetry.space_group_name_H-M   'H 3 2'
#
loop_
_entity.id
_entity.type
_entity.pdbx_description
1 polymer Hemagglutinin
2 polymer Hemagglutinin
3 non-polymer 2-acetamido-2-deoxy-beta-D-glucopyranose
4 water water
#
loop_
_entity_poly.entity_id
_entity_poly.type
_entity_poly.pdbx_seq_one_letter_code
_entity_poly.pdbx_strand_id
1 'polypeptide(L)'
;QNYTGNPVICMGHHAVANGTMVKTLADDQVEVVTAQELVESQNLPELCPSPLRLVDGQTCDIINGALGSPGCDHLNGAEW
DVFIERPNAVDTCYPFDVPEYQSLRSILANNGKFEFIAEEFQWNTVKQNGKSGACKRANVNDFFNRLNWLVKSDGNAYPL
QNLTKINNGDYARLYIWGVHHPSTDTEQTNLYKNNPGGVTVSTKTSQTSVVPNIGSRPLVRGLSSRVSFYWTIVEPGDLI
VFNTIGNLIAPRGHYKLNNQKKSTILNTAIPIGSCVSKCHTDKGSLSTTKPFQNISRIAVGDCPRYVKQGSLKLATGMRN
IPEKASR
;
A,B
2 'polypeptide(L)'
;GLFGAIAGFIENGWQGLIDGWYGFRHQNAEGTGTAADLKSTQAAIDQINGKLNRLIEKTNDKYHQIEKEFEQVEGRIQDL
EKYVEDTKIDLWSYNAELLVALENQHTIDVTDSEMNKLFERVRRQLRENAEDKGNGCFEIFHKCDNNCIESIRNGTYDHD
IYRDEAINNRFQIQGV
;
C,D
#
loop_
_chem_comp.id
_chem_comp.type
_chem_comp.name
_chem_comp.formula
NAG D-saccharide, beta linking 2-acetamido-2-deoxy-beta-D-glucopyranose 'C8 H15 N O6'
#
# COMPACT_ATOMS: atom_id res chain seq x y z
N GLY A 5 -6.32 18.53 4.86
CA GLY A 5 -7.07 17.30 5.05
C GLY A 5 -7.73 16.83 3.77
N ASN A 6 -7.08 15.87 3.11
CA ASN A 6 -7.56 15.34 1.85
C ASN A 6 -7.26 13.86 1.49
N PRO A 7 -6.94 12.99 2.47
CA PRO A 7 -7.06 11.58 2.07
C PRO A 7 -8.51 11.19 1.79
N VAL A 8 -8.71 10.18 0.93
CA VAL A 8 -10.06 9.70 0.59
C VAL A 8 -10.15 8.18 0.71
N ILE A 9 -11.20 7.67 1.36
CA ILE A 9 -11.45 6.24 1.33
C ILE A 9 -12.81 5.94 0.68
N CYS A 10 -12.82 5.01 -0.26
CA CYS A 10 -14.03 4.71 -1.03
C CYS A 10 -14.52 3.30 -0.79
N MET A 11 -15.82 3.17 -0.53
CA MET A 11 -16.42 1.85 -0.39
C MET A 11 -17.04 1.42 -1.72
N GLY A 12 -16.75 0.20 -2.14
CA GLY A 12 -17.27 -0.28 -3.43
C GLY A 12 -17.58 -1.76 -3.48
N HIS A 13 -17.87 -2.24 -4.68
CA HIS A 13 -18.27 -3.63 -4.90
C HIS A 13 -17.69 -4.14 -6.23
N HIS A 14 -17.65 -5.45 -6.41
CA HIS A 14 -16.99 -5.99 -7.59
C HIS A 14 -17.87 -5.87 -8.83
N ALA A 15 -17.30 -6.20 -9.98
CA ALA A 15 -18.02 -6.24 -11.24
C ALA A 15 -17.20 -7.03 -12.25
N VAL A 16 -17.87 -7.61 -13.22
CA VAL A 16 -17.21 -8.33 -14.30
C VAL A 16 -17.52 -7.63 -15.61
N ALA A 17 -16.82 -8.02 -16.68
CA ALA A 17 -17.03 -7.41 -17.98
C ALA A 17 -18.46 -7.68 -18.49
N ASN A 18 -18.87 -8.94 -18.42
CA ASN A 18 -20.18 -9.33 -18.92
C ASN A 18 -20.86 -10.34 -18.00
N GLY A 19 -22.04 -9.99 -17.49
CA GLY A 19 -22.77 -10.85 -16.58
C GLY A 19 -23.85 -11.65 -17.27
N THR A 20 -24.85 -12.06 -16.49
CA THR A 20 -25.98 -12.84 -17.00
C THR A 20 -27.28 -12.10 -16.75
N MET A 21 -28.22 -12.17 -17.68
CA MET A 21 -29.54 -11.58 -17.47
C MET A 21 -30.45 -12.49 -16.65
N VAL A 22 -31.15 -11.90 -15.69
CA VAL A 22 -32.12 -12.63 -14.87
C VAL A 22 -33.44 -11.85 -14.80
N LYS A 23 -34.53 -12.53 -14.41
CA LYS A 23 -35.79 -11.85 -14.22
C LYS A 23 -36.03 -11.56 -12.74
N THR A 24 -36.73 -10.46 -12.46
CA THR A 24 -37.24 -10.18 -11.13
C THR A 24 -38.74 -9.94 -11.21
N LEU A 25 -39.32 -9.45 -10.12
CA LEU A 25 -40.72 -9.05 -10.14
C LEU A 25 -40.98 -7.86 -11.06
N ALA A 26 -40.04 -6.90 -11.06
CA ALA A 26 -40.25 -5.62 -11.74
C ALA A 26 -39.47 -5.47 -13.05
N ASP A 27 -38.61 -6.44 -13.36
CA ASP A 27 -37.73 -6.31 -14.51
C ASP A 27 -37.35 -7.69 -15.02
N ASP A 28 -37.57 -7.95 -16.31
CA ASP A 28 -37.29 -9.28 -16.83
C ASP A 28 -35.88 -9.37 -17.41
N GLN A 29 -35.16 -8.26 -17.43
CA GLN A 29 -33.79 -8.23 -17.96
C GLN A 29 -32.82 -7.43 -17.08
N VAL A 30 -32.37 -8.03 -15.99
CA VAL A 30 -31.40 -7.39 -15.10
C VAL A 30 -30.06 -8.12 -15.22
N GLU A 31 -28.96 -7.38 -15.29
CA GLU A 31 -27.65 -8.03 -15.38
C GLU A 31 -27.00 -8.19 -14.02
N VAL A 32 -26.77 -9.43 -13.63
CA VAL A 32 -26.11 -9.72 -12.36
C VAL A 32 -24.79 -10.43 -12.64
N VAL A 33 -23.91 -10.45 -11.64
CA VAL A 33 -22.53 -10.85 -11.86
C VAL A 33 -22.41 -12.35 -12.15
N THR A 34 -23.16 -13.14 -11.40
CA THR A 34 -23.22 -14.58 -11.65
C THR A 34 -24.66 -15.05 -11.60
N ALA A 35 -24.95 -16.16 -12.28
CA ALA A 35 -26.29 -16.73 -12.25
C ALA A 35 -26.23 -18.24 -12.40
N GLN A 36 -27.25 -18.92 -11.91
CA GLN A 36 -27.32 -20.37 -11.96
C GLN A 36 -28.62 -20.82 -12.62
N GLU A 37 -28.50 -21.66 -13.64
CA GLU A 37 -29.65 -22.18 -14.37
C GLU A 37 -30.40 -23.23 -13.56
N LEU A 38 -31.70 -23.07 -13.42
CA LEU A 38 -32.51 -23.97 -12.60
C LEU A 38 -33.29 -24.99 -13.41
N VAL A 39 -33.22 -24.89 -14.73
CA VAL A 39 -33.94 -25.80 -15.61
C VAL A 39 -32.98 -26.67 -16.40
N GLU A 40 -33.03 -27.98 -16.12
CA GLU A 40 -32.25 -28.96 -16.83
C GLU A 40 -32.84 -29.22 -18.22
N SER A 41 -32.11 -28.84 -19.26
CA SER A 41 -32.57 -29.01 -20.64
C SER A 41 -31.65 -29.92 -21.44
N GLN A 42 -30.80 -30.67 -20.75
CA GLN A 42 -29.95 -31.67 -21.40
C GLN A 42 -30.22 -33.03 -20.78
N ASN A 43 -30.42 -34.03 -21.61
CA ASN A 43 -30.56 -35.39 -21.11
C ASN A 43 -29.44 -36.30 -21.65
N LEU A 44 -29.41 -37.53 -21.16
CA LEU A 44 -28.46 -38.52 -21.64
C LEU A 44 -29.09 -39.36 -22.75
N PRO A 45 -28.26 -39.82 -23.70
CA PRO A 45 -28.79 -40.63 -24.80
C PRO A 45 -28.88 -42.11 -24.44
N GLU A 46 -28.94 -42.40 -23.13
CA GLU A 46 -29.10 -43.77 -22.65
C GLU A 46 -29.85 -43.80 -21.31
N LEU A 47 -30.16 -44.99 -20.83
CA LEU A 47 -30.81 -45.16 -19.53
C LEU A 47 -29.86 -45.83 -18.53
N CYS A 48 -29.82 -45.32 -17.32
CA CYS A 48 -28.89 -45.82 -16.31
C CYS A 48 -29.47 -47.00 -15.53
N PRO A 49 -28.74 -48.13 -15.53
CA PRO A 49 -29.18 -49.35 -14.84
C PRO A 49 -28.93 -49.31 -13.34
N SER A 50 -28.39 -48.19 -12.86
CA SER A 50 -28.04 -48.03 -11.45
C SER A 50 -28.39 -46.61 -10.98
N PRO A 51 -28.88 -46.47 -9.74
CA PRO A 51 -29.10 -47.51 -8.73
C PRO A 51 -30.48 -48.16 -8.80
N LEU A 52 -31.31 -47.75 -9.75
CA LEU A 52 -32.61 -48.38 -9.93
C LEU A 52 -32.48 -49.63 -10.79
N ARG A 53 -33.25 -50.67 -10.46
CA ARG A 53 -33.23 -51.91 -11.24
C ARG A 53 -34.11 -51.80 -12.48
N LEU A 54 -33.48 -51.64 -13.64
CA LEU A 54 -34.22 -51.56 -14.90
C LEU A 54 -34.23 -52.92 -15.62
N VAL A 55 -35.43 -53.40 -15.94
CA VAL A 55 -35.57 -54.65 -16.69
C VAL A 55 -36.01 -54.39 -18.13
N ASP A 56 -35.16 -54.76 -19.08
CA ASP A 56 -35.41 -54.53 -20.51
C ASP A 56 -36.29 -55.62 -21.12
N GLY A 57 -37.52 -55.27 -21.47
CA GLY A 57 -38.45 -56.23 -22.03
C GLY A 57 -38.08 -56.62 -23.45
N GLN A 58 -37.29 -55.76 -24.09
CA GLN A 58 -36.79 -55.99 -25.45
C GLN A 58 -37.91 -56.17 -26.47
N THR A 59 -38.22 -57.42 -26.81
CA THR A 59 -39.19 -57.71 -27.86
C THR A 59 -40.60 -57.89 -27.30
N CYS A 60 -40.71 -58.22 -26.02
CA CYS A 60 -42.02 -58.38 -25.38
C CYS A 60 -42.48 -57.08 -24.71
N ASP A 61 -43.73 -56.69 -24.96
CA ASP A 61 -44.35 -55.68 -24.13
C ASP A 61 -44.70 -56.39 -22.82
N ILE A 62 -45.10 -55.64 -21.79
CA ILE A 62 -45.27 -56.24 -20.47
C ILE A 62 -46.44 -57.23 -20.43
N ILE A 63 -47.39 -57.08 -21.34
CA ILE A 63 -48.51 -58.00 -21.41
C ILE A 63 -48.05 -59.36 -21.95
N ASN A 64 -47.25 -59.35 -23.02
CA ASN A 64 -46.74 -60.58 -23.61
C ASN A 64 -45.73 -61.29 -22.72
N GLY A 65 -45.07 -60.53 -21.85
CA GLY A 65 -44.11 -61.09 -20.92
C GLY A 65 -44.82 -61.89 -19.85
N ALA A 66 -45.97 -61.39 -19.41
CA ALA A 66 -46.77 -62.04 -18.38
C ALA A 66 -47.45 -63.29 -18.94
N LEU A 67 -47.90 -63.18 -20.19
CA LEU A 67 -48.59 -64.27 -20.86
C LEU A 67 -47.66 -65.45 -21.09
N GLY A 68 -46.39 -65.17 -21.33
CA GLY A 68 -45.40 -66.20 -21.58
C GLY A 68 -45.22 -66.50 -23.05
N SER A 69 -45.36 -65.46 -23.87
CA SER A 69 -45.18 -65.57 -25.31
C SER A 69 -43.78 -66.07 -25.66
N PRO A 70 -43.60 -66.61 -26.88
CA PRO A 70 -42.26 -67.01 -27.31
C PRO A 70 -41.29 -65.83 -27.29
N GLY A 71 -40.10 -66.04 -26.74
CA GLY A 71 -39.10 -64.99 -26.70
C GLY A 71 -39.20 -64.11 -25.47
N CYS A 72 -40.12 -64.44 -24.56
CA CYS A 72 -40.30 -63.69 -23.33
C CYS A 72 -39.78 -64.43 -22.12
N ASP A 73 -38.97 -65.46 -22.35
CA ASP A 73 -38.53 -66.33 -21.27
C ASP A 73 -37.55 -65.64 -20.32
N HIS A 74 -36.85 -64.64 -20.84
CA HIS A 74 -35.89 -63.89 -20.01
C HIS A 74 -36.60 -63.12 -18.90
N LEU A 75 -37.84 -62.75 -19.13
CA LEU A 75 -38.59 -61.94 -18.18
C LEU A 75 -39.10 -62.75 -17.00
N ASN A 76 -38.93 -64.07 -17.06
CA ASN A 76 -39.34 -64.94 -15.97
C ASN A 76 -38.47 -64.73 -14.74
N GLY A 77 -39.10 -64.55 -13.59
CA GLY A 77 -38.37 -64.32 -12.35
C GLY A 77 -37.87 -62.90 -12.14
N ALA A 78 -37.83 -62.12 -13.22
CA ALA A 78 -37.26 -60.77 -13.21
C ALA A 78 -37.98 -59.82 -12.26
N GLU A 79 -37.18 -59.07 -11.50
CA GLU A 79 -37.69 -58.04 -10.61
C GLU A 79 -37.23 -56.66 -11.07
N TRP A 80 -38.13 -55.68 -11.04
CA TRP A 80 -37.78 -54.35 -11.55
C TRP A 80 -38.32 -53.21 -10.70
N ASP A 81 -37.54 -52.13 -10.64
CA ASP A 81 -38.06 -50.85 -10.19
C ASP A 81 -38.81 -50.22 -11.35
N VAL A 82 -38.15 -50.20 -12.50
CA VAL A 82 -38.78 -49.75 -13.73
C VAL A 82 -38.70 -50.79 -14.85
N PHE A 83 -39.84 -51.10 -15.43
CA PHE A 83 -39.91 -51.97 -16.59
C PHE A 83 -39.78 -51.15 -17.87
N ILE A 84 -38.73 -51.41 -18.65
CA ILE A 84 -38.52 -50.65 -19.88
C ILE A 84 -39.14 -51.37 -21.08
N GLU A 85 -40.15 -50.74 -21.68
CA GLU A 85 -40.97 -51.35 -22.72
C GLU A 85 -40.74 -50.70 -24.08
N ARG A 86 -40.32 -51.49 -25.05
CA ARG A 86 -39.94 -50.97 -26.36
C ARG A 86 -41.14 -50.73 -27.27
N PRO A 87 -41.13 -49.59 -27.98
CA PRO A 87 -42.19 -49.25 -28.93
C PRO A 87 -42.26 -50.22 -30.11
N ASN A 88 -41.18 -50.94 -30.39
CA ASN A 88 -41.19 -51.92 -31.47
C ASN A 88 -41.33 -53.35 -30.94
N ALA A 89 -42.05 -53.50 -29.83
CA ALA A 89 -42.40 -54.82 -29.33
C ALA A 89 -43.31 -55.50 -30.33
N VAL A 90 -43.12 -56.81 -30.49
CA VAL A 90 -43.84 -57.55 -31.53
C VAL A 90 -44.66 -58.70 -30.96
N ASP A 91 -45.90 -58.80 -31.40
CA ASP A 91 -46.75 -59.94 -31.05
C ASP A 91 -46.26 -61.22 -31.74
N THR A 92 -45.99 -62.25 -30.94
CA THR A 92 -45.46 -63.50 -31.46
C THR A 92 -46.24 -64.76 -31.06
N CYS A 93 -47.57 -64.70 -31.10
CA CYS A 93 -48.41 -65.83 -30.68
C CYS A 93 -49.83 -65.79 -31.28
N TYR A 94 -50.64 -66.80 -30.94
CA TYR A 94 -52.06 -66.78 -31.34
C TYR A 94 -52.59 -65.51 -30.67
N PRO A 95 -53.28 -64.60 -31.43
CA PRO A 95 -53.26 -63.28 -30.80
C PRO A 95 -54.59 -62.85 -30.22
N PHE A 96 -54.62 -61.67 -29.63
CA PHE A 96 -55.53 -61.50 -28.56
C PHE A 96 -55.96 -60.08 -28.31
N ASP A 97 -56.79 -59.92 -27.29
CA ASP A 97 -57.17 -58.62 -26.84
C ASP A 97 -57.43 -58.78 -25.36
N VAL A 98 -56.99 -57.78 -24.59
CA VAL A 98 -57.33 -57.70 -23.19
C VAL A 98 -58.35 -56.58 -23.04
N PRO A 99 -59.60 -56.95 -22.71
CA PRO A 99 -60.72 -56.01 -22.56
C PRO A 99 -60.37 -54.76 -21.74
N GLU A 100 -59.76 -54.96 -20.58
CA GLU A 100 -59.30 -53.85 -19.75
C GLU A 100 -57.78 -53.74 -19.82
N TYR A 101 -57.29 -53.52 -21.04
CA TYR A 101 -55.86 -53.63 -21.34
C TYR A 101 -54.97 -52.78 -20.46
N GLN A 102 -55.28 -51.48 -20.40
CA GLN A 102 -54.47 -50.55 -19.62
C GLN A 102 -54.46 -50.90 -18.13
N SER A 103 -55.59 -51.36 -17.61
CA SER A 103 -55.66 -51.68 -16.19
C SER A 103 -54.85 -52.93 -15.84
N LEU A 104 -54.78 -53.87 -16.77
CA LEU A 104 -53.99 -55.07 -16.54
C LEU A 104 -52.52 -54.71 -16.61
N ARG A 105 -52.19 -53.95 -17.64
CA ARG A 105 -50.83 -53.48 -17.85
C ARG A 105 -50.32 -52.70 -16.64
N SER A 106 -51.19 -51.89 -16.05
CA SER A 106 -50.85 -51.08 -14.89
C SER A 106 -50.57 -51.93 -13.66
N ILE A 107 -51.38 -52.95 -13.46
CA ILE A 107 -51.25 -53.81 -12.29
C ILE A 107 -49.96 -54.62 -12.33
N LEU A 108 -49.60 -55.09 -13.51
CA LEU A 108 -48.39 -55.88 -13.68
C LEU A 108 -47.12 -55.05 -13.47
N ALA A 109 -47.14 -53.83 -14.01
CA ALA A 109 -45.99 -52.94 -13.93
C ALA A 109 -45.76 -52.43 -12.52
N ASN A 110 -46.85 -52.03 -11.89
CA ASN A 110 -46.83 -51.55 -10.52
C ASN A 110 -46.39 -52.63 -9.54
N ASN A 111 -46.77 -53.88 -9.83
CA ASN A 111 -46.45 -55.01 -8.96
C ASN A 111 -44.95 -55.23 -8.84
N GLY A 112 -44.23 -55.03 -9.94
CA GLY A 112 -42.77 -55.01 -9.90
C GLY A 112 -41.99 -56.27 -10.21
N LYS A 113 -42.66 -57.42 -10.24
CA LYS A 113 -41.95 -58.69 -10.44
C LYS A 113 -42.75 -59.71 -11.25
N PHE A 114 -42.01 -60.59 -11.92
CA PHE A 114 -42.62 -61.71 -12.62
C PHE A 114 -42.27 -63.01 -11.92
N GLU A 115 -42.96 -63.27 -10.82
CA GLU A 115 -42.70 -64.46 -10.02
C GLU A 115 -43.86 -65.46 -10.16
N PHE A 116 -43.72 -66.38 -11.11
CA PHE A 116 -44.79 -67.31 -11.44
C PHE A 116 -44.77 -68.54 -10.54
N ILE A 117 -45.97 -68.94 -10.12
CA ILE A 117 -46.12 -70.11 -9.27
C ILE A 117 -46.94 -71.19 -9.97
N ALA A 118 -46.35 -72.38 -10.10
CA ALA A 118 -47.03 -73.49 -10.76
C ALA A 118 -47.98 -74.22 -9.79
N GLU A 119 -49.08 -74.71 -10.36
CA GLU A 119 -50.16 -75.38 -9.68
C GLU A 119 -50.84 -76.21 -10.74
N GLU A 120 -51.21 -77.44 -10.43
CA GLU A 120 -51.75 -78.26 -11.50
C GLU A 120 -53.25 -78.50 -11.30
N PHE A 121 -53.99 -78.22 -12.38
CA PHE A 121 -55.44 -78.32 -12.45
C PHE A 121 -55.88 -79.64 -13.11
N GLN A 122 -56.54 -80.48 -12.32
CA GLN A 122 -57.11 -81.75 -12.81
C GLN A 122 -58.31 -81.62 -13.79
N TRP A 123 -58.06 -81.23 -15.03
CA TRP A 123 -59.14 -81.17 -16.01
C TRP A 123 -59.65 -82.57 -16.36
N ASN A 124 -60.95 -82.69 -16.59
CA ASN A 124 -61.60 -84.01 -16.71
C ASN A 124 -61.21 -84.79 -17.96
N THR A 125 -62.20 -85.05 -18.83
CA THR A 125 -61.98 -85.85 -20.02
C THR A 125 -61.17 -85.07 -21.05
N VAL A 126 -61.13 -83.76 -20.87
CA VAL A 126 -60.68 -82.78 -21.84
C VAL A 126 -59.16 -82.77 -22.05
N LYS A 127 -58.68 -82.44 -23.26
CA LYS A 127 -57.21 -82.54 -23.47
C LYS A 127 -56.53 -81.38 -22.80
N GLN A 128 -55.23 -81.24 -23.08
CA GLN A 128 -54.42 -80.12 -22.66
C GLN A 128 -53.32 -79.80 -23.65
N ASN A 129 -52.71 -78.64 -23.46
CA ASN A 129 -51.51 -78.22 -24.17
C ASN A 129 -51.72 -78.06 -25.68
N GLY A 130 -52.90 -77.59 -26.06
CA GLY A 130 -53.19 -77.26 -27.45
C GLY A 130 -52.33 -76.10 -27.92
N LYS A 131 -51.80 -76.22 -29.13
CA LYS A 131 -50.83 -75.28 -29.67
C LYS A 131 -51.31 -74.68 -30.99
N SER A 132 -50.49 -73.87 -31.65
CA SER A 132 -50.97 -73.13 -32.83
C SER A 132 -49.89 -72.77 -33.84
N GLY A 133 -50.33 -72.45 -35.06
CA GLY A 133 -49.44 -72.13 -36.16
C GLY A 133 -49.01 -70.67 -36.21
N ALA A 134 -49.62 -69.85 -35.36
CA ALA A 134 -49.23 -68.44 -35.27
C ALA A 134 -48.46 -68.14 -33.98
N CYS A 135 -48.09 -69.20 -33.26
CA CYS A 135 -47.44 -69.06 -31.97
C CYS A 135 -46.38 -70.12 -31.79
N LYS A 136 -45.32 -70.01 -32.56
CA LYS A 136 -44.37 -71.10 -32.68
C LYS A 136 -42.99 -70.72 -32.16
N ARG A 137 -42.65 -71.18 -30.95
CA ARG A 137 -41.36 -70.92 -30.33
C ARG A 137 -40.37 -71.97 -30.80
N ALA A 138 -39.21 -71.53 -31.25
CA ALA A 138 -38.23 -72.40 -31.91
C ALA A 138 -38.87 -73.51 -32.72
N ASN A 139 -39.17 -73.19 -33.97
CA ASN A 139 -39.46 -74.20 -35.01
C ASN A 139 -40.80 -75.01 -34.74
N VAL A 140 -41.38 -75.01 -33.53
CA VAL A 140 -42.36 -76.06 -33.17
C VAL A 140 -43.69 -75.55 -32.58
N ASN A 141 -44.84 -75.75 -33.27
CA ASN A 141 -46.16 -75.23 -32.80
C ASN A 141 -46.29 -75.13 -31.28
N ASP A 142 -46.72 -73.97 -30.76
CA ASP A 142 -46.72 -73.77 -29.31
C ASP A 142 -47.81 -72.80 -28.84
N PHE A 143 -47.66 -72.33 -27.61
CA PHE A 143 -48.66 -71.47 -27.00
C PHE A 143 -48.00 -70.65 -25.91
N PHE A 144 -48.74 -69.71 -25.34
CA PHE A 144 -48.28 -68.98 -24.18
C PHE A 144 -47.91 -69.96 -23.08
N ASN A 145 -46.66 -69.95 -22.65
CA ASN A 145 -46.21 -70.97 -21.70
C ASN A 145 -46.81 -70.85 -20.30
N ARG A 146 -47.65 -69.84 -20.08
CA ARG A 146 -48.33 -69.69 -18.80
C ARG A 146 -49.79 -70.10 -18.94
N LEU A 147 -50.21 -70.37 -20.17
CA LEU A 147 -51.58 -70.78 -20.45
C LEU A 147 -51.63 -72.20 -21.02
N ASN A 148 -52.82 -72.80 -20.99
CA ASN A 148 -53.00 -74.18 -21.43
C ASN A 148 -54.32 -74.28 -22.17
N TRP A 149 -54.22 -74.59 -23.47
CA TRP A 149 -55.40 -74.77 -24.31
C TRP A 149 -56.06 -76.11 -24.05
N LEU A 150 -57.31 -76.13 -23.61
CA LEU A 150 -58.02 -77.40 -23.44
C LEU A 150 -58.73 -77.78 -24.77
N VAL A 151 -58.53 -78.96 -25.37
CA VAL A 151 -59.39 -79.28 -26.50
C VAL A 151 -60.18 -80.55 -26.33
N LYS A 152 -61.03 -80.87 -27.31
CA LYS A 152 -61.93 -82.07 -27.26
C LYS A 152 -61.43 -83.45 -26.84
N SER A 153 -62.20 -84.24 -26.06
CA SER A 153 -61.90 -85.67 -25.85
C SER A 153 -61.69 -86.40 -27.20
N ASP A 154 -61.20 -87.63 -27.20
CA ASP A 154 -61.15 -88.29 -28.49
C ASP A 154 -62.59 -88.69 -28.88
N GLY A 155 -63.42 -88.99 -27.88
CA GLY A 155 -64.78 -89.46 -28.13
C GLY A 155 -65.86 -88.39 -28.06
N ASN A 156 -65.49 -87.26 -28.64
CA ASN A 156 -65.96 -85.91 -28.30
C ASN A 156 -66.94 -85.74 -27.12
N ALA A 157 -66.31 -85.34 -26.01
CA ALA A 157 -66.93 -85.09 -24.71
C ALA A 157 -66.00 -84.17 -23.89
N TYR A 158 -66.57 -83.04 -23.44
CA TYR A 158 -66.06 -82.01 -22.49
C TYR A 158 -67.14 -81.81 -21.50
N PRO A 159 -67.10 -82.52 -20.37
CA PRO A 159 -68.06 -82.29 -19.29
C PRO A 159 -67.96 -80.86 -18.77
N LEU A 160 -69.02 -80.39 -18.12
CA LEU A 160 -68.93 -79.19 -17.32
C LEU A 160 -67.74 -79.40 -16.42
N GLN A 161 -66.83 -78.44 -16.36
CA GLN A 161 -65.71 -78.62 -15.47
C GLN A 161 -65.69 -77.60 -14.36
N ASN A 162 -65.56 -78.09 -13.13
CA ASN A 162 -65.27 -77.20 -12.04
C ASN A 162 -64.19 -77.73 -11.11
N LEU A 163 -63.09 -76.99 -11.08
CA LEU A 163 -62.08 -77.23 -10.10
C LEU A 163 -62.07 -76.02 -9.20
N THR A 164 -61.28 -76.08 -8.15
CA THR A 164 -61.20 -74.94 -7.28
C THR A 164 -59.90 -74.92 -6.55
N LYS A 165 -59.28 -73.74 -6.53
CA LYS A 165 -58.11 -73.57 -5.73
C LYS A 165 -58.28 -72.54 -4.64
N ILE A 166 -57.72 -72.86 -3.50
CA ILE A 166 -57.90 -72.07 -2.30
C ILE A 166 -56.60 -71.40 -1.87
N ASN A 167 -56.69 -70.08 -1.68
CA ASN A 167 -55.55 -69.29 -1.26
C ASN A 167 -55.41 -69.25 0.26
N ASN A 168 -54.58 -70.13 0.79
CA ASN A 168 -54.23 -70.09 2.20
C ASN A 168 -52.83 -69.52 2.36
N GLY A 169 -52.27 -69.06 1.25
CA GLY A 169 -50.99 -68.37 1.27
C GLY A 169 -51.09 -67.04 1.97
N ASP A 170 -49.94 -66.39 2.16
CA ASP A 170 -49.90 -65.12 2.88
C ASP A 170 -49.83 -63.94 1.91
N TYR A 171 -50.10 -64.20 0.64
CA TYR A 171 -50.08 -63.15 -0.38
C TYR A 171 -51.30 -63.25 -1.29
N ALA A 172 -51.59 -62.17 -2.01
CA ALA A 172 -52.67 -62.19 -2.98
C ALA A 172 -52.17 -62.79 -4.28
N ARG A 173 -53.03 -63.57 -4.93
CA ARG A 173 -52.66 -64.25 -6.16
C ARG A 173 -53.31 -63.60 -7.36
N LEU A 174 -52.62 -63.63 -8.50
CA LEU A 174 -53.15 -63.10 -9.74
C LEU A 174 -53.25 -64.21 -10.79
N TYR A 175 -54.47 -64.69 -11.03
CA TYR A 175 -54.70 -65.70 -12.05
C TYR A 175 -55.05 -65.03 -13.37
N ILE A 176 -54.42 -65.49 -14.44
CA ILE A 176 -54.72 -64.96 -15.78
C ILE A 176 -55.26 -66.08 -16.67
N TRP A 177 -56.50 -65.90 -17.12
CA TRP A 177 -57.20 -66.92 -17.89
C TRP A 177 -57.81 -66.31 -19.15
N GLY A 178 -58.06 -67.15 -20.16
CA GLY A 178 -58.58 -66.67 -21.43
C GLY A 178 -59.83 -67.36 -21.91
N VAL A 179 -60.38 -66.86 -23.02
CA VAL A 179 -61.57 -67.42 -23.65
C VAL A 179 -61.38 -67.41 -25.16
N HIS A 180 -61.54 -68.57 -25.79
CA HIS A 180 -61.28 -68.69 -27.22
C HIS A 180 -62.48 -68.24 -28.06
N HIS A 181 -62.20 -67.54 -29.17
CA HIS A 181 -63.24 -67.02 -30.04
C HIS A 181 -63.12 -67.55 -31.47
N PRO A 182 -63.96 -68.52 -31.85
CA PRO A 182 -63.96 -69.13 -33.19
C PRO A 182 -64.61 -68.33 -34.32
N SER A 183 -64.17 -68.62 -35.55
CA SER A 183 -64.59 -67.86 -36.73
C SER A 183 -65.93 -68.37 -37.24
N THR A 184 -66.18 -69.66 -37.09
CA THR A 184 -67.36 -70.30 -37.64
C THR A 184 -68.16 -71.05 -36.59
N ASP A 185 -69.30 -71.58 -36.98
CA ASP A 185 -70.07 -72.45 -36.09
C ASP A 185 -69.45 -73.84 -36.11
N THR A 186 -68.84 -74.17 -37.24
CA THR A 186 -68.18 -75.45 -37.45
C THR A 186 -66.88 -75.49 -36.67
N GLU A 187 -66.16 -74.37 -36.65
CA GLU A 187 -64.90 -74.29 -35.92
C GLU A 187 -65.10 -74.56 -34.45
N GLN A 188 -66.22 -74.12 -33.90
CA GLN A 188 -66.47 -74.34 -32.49
C GLN A 188 -66.72 -75.85 -32.27
N THR A 189 -67.48 -76.49 -33.16
CA THR A 189 -67.98 -77.88 -32.99
C THR A 189 -66.91 -78.93 -33.20
N ASN A 190 -65.94 -78.49 -33.99
CA ASN A 190 -64.62 -79.07 -34.25
C ASN A 190 -63.65 -79.08 -33.11
N LEU A 191 -63.40 -77.85 -32.68
CA LEU A 191 -62.55 -77.57 -31.57
C LEU A 191 -63.12 -78.33 -30.40
N TYR A 192 -64.27 -77.81 -29.88
CA TYR A 192 -65.26 -78.73 -29.30
C TYR A 192 -66.61 -78.47 -28.58
N LYS A 193 -67.54 -79.23 -29.14
CA LYS A 193 -68.80 -79.84 -28.68
C LYS A 193 -70.00 -79.00 -28.90
N ASN A 194 -70.25 -78.28 -27.83
CA ASN A 194 -71.21 -77.24 -27.64
C ASN A 194 -71.23 -76.11 -28.64
N ASN A 195 -72.30 -75.34 -28.54
CA ASN A 195 -72.55 -74.15 -29.33
C ASN A 195 -73.86 -73.65 -28.76
N PRO A 196 -73.81 -72.57 -27.97
CA PRO A 196 -72.59 -71.87 -27.52
C PRO A 196 -71.77 -72.58 -26.44
N GLY A 197 -70.54 -72.11 -26.28
CA GLY A 197 -69.68 -72.51 -25.18
C GLY A 197 -69.82 -71.50 -24.07
N GLY A 198 -68.82 -71.41 -23.18
CA GLY A 198 -68.90 -70.46 -22.09
C GLY A 198 -67.99 -70.79 -20.92
N VAL A 199 -67.51 -69.73 -20.26
CA VAL A 199 -66.66 -69.85 -19.08
C VAL A 199 -67.20 -68.96 -17.96
N THR A 200 -67.25 -69.48 -16.74
CA THR A 200 -67.64 -68.64 -15.60
C THR A 200 -66.62 -68.78 -14.47
N VAL A 201 -65.83 -67.73 -14.23
CA VAL A 201 -64.86 -67.76 -13.15
C VAL A 201 -65.40 -67.01 -11.94
N SER A 202 -65.50 -67.71 -10.82
CA SER A 202 -66.06 -67.14 -9.60
C SER A 202 -65.01 -66.99 -8.51
N THR A 203 -65.21 -65.99 -7.67
CA THR A 203 -64.57 -65.92 -6.36
C THR A 203 -65.70 -65.86 -5.35
N LYS A 204 -65.38 -65.80 -4.07
CA LYS A 204 -66.42 -65.65 -3.06
C LYS A 204 -67.19 -64.36 -3.33
N THR A 205 -66.44 -63.30 -3.60
CA THR A 205 -67.01 -61.98 -3.80
C THR A 205 -67.66 -61.79 -5.16
N SER A 206 -67.15 -62.49 -6.18
CA SER A 206 -67.56 -62.21 -7.54
C SER A 206 -67.93 -63.43 -8.37
N GLN A 207 -68.16 -63.18 -9.65
CA GLN A 207 -68.46 -64.21 -10.63
C GLN A 207 -68.46 -63.58 -12.01
N THR A 208 -67.44 -63.90 -12.80
CA THR A 208 -67.30 -63.35 -14.15
C THR A 208 -67.50 -64.42 -15.21
N SER A 209 -68.41 -64.19 -16.15
CA SER A 209 -68.65 -65.18 -17.19
C SER A 209 -68.68 -64.60 -18.61
N VAL A 210 -68.25 -65.43 -19.57
CA VAL A 210 -68.12 -65.04 -20.96
C VAL A 210 -68.74 -66.07 -21.88
N VAL A 211 -69.51 -65.64 -22.86
CA VAL A 211 -69.85 -66.53 -23.96
C VAL A 211 -69.11 -66.05 -25.20
N PRO A 212 -68.42 -66.98 -25.86
CA PRO A 212 -67.57 -66.71 -27.01
C PRO A 212 -68.36 -66.09 -28.15
N ASN A 213 -67.75 -65.18 -28.90
CA ASN A 213 -68.37 -64.69 -30.11
C ASN A 213 -67.80 -65.38 -31.33
N ILE A 214 -68.63 -65.51 -32.36
CA ILE A 214 -68.31 -66.30 -33.52
C ILE A 214 -68.61 -65.52 -34.79
N GLY A 215 -67.57 -65.09 -35.49
CA GLY A 215 -67.77 -64.28 -36.67
C GLY A 215 -66.56 -64.07 -37.56
N SER A 216 -66.84 -63.61 -38.77
CA SER A 216 -65.81 -63.23 -39.72
C SER A 216 -65.00 -62.06 -39.17
N ARG A 217 -63.75 -62.34 -38.80
CA ARG A 217 -62.82 -61.31 -38.37
C ARG A 217 -61.69 -61.19 -39.39
N PRO A 218 -61.03 -60.03 -39.43
CA PRO A 218 -59.91 -59.75 -40.35
C PRO A 218 -58.78 -60.79 -40.25
N LEU A 219 -57.81 -60.83 -41.16
CA LEU A 219 -56.74 -61.76 -41.00
C LEU A 219 -55.45 -61.07 -40.59
N VAL A 220 -55.18 -61.05 -39.28
CA VAL A 220 -53.84 -60.78 -38.70
C VAL A 220 -53.19 -62.22 -38.71
N ARG A 221 -52.19 -62.55 -37.91
CA ARG A 221 -51.82 -63.95 -37.53
C ARG A 221 -51.98 -65.09 -38.57
N GLY A 222 -52.86 -64.90 -39.55
CA GLY A 222 -53.28 -65.93 -40.50
C GLY A 222 -54.29 -66.99 -40.04
N LEU A 223 -55.33 -66.58 -39.29
CA LEU A 223 -56.38 -67.44 -38.72
C LEU A 223 -57.57 -66.47 -38.67
N SER A 224 -58.83 -66.80 -38.33
CA SER A 224 -59.78 -65.69 -38.05
C SER A 224 -60.31 -65.64 -36.64
N SER A 225 -59.81 -66.55 -35.82
CA SER A 225 -60.18 -66.65 -34.43
C SER A 225 -59.29 -65.76 -33.54
N ARG A 226 -59.68 -65.52 -32.30
CA ARG A 226 -58.87 -64.76 -31.34
C ARG A 226 -59.08 -65.23 -29.91
N VAL A 227 -58.21 -64.77 -29.00
CA VAL A 227 -58.35 -65.06 -27.57
C VAL A 227 -58.63 -63.78 -26.78
N SER A 228 -59.54 -63.86 -25.82
CA SER A 228 -59.78 -62.75 -24.92
C SER A 228 -59.29 -63.09 -23.52
N PHE A 229 -58.38 -62.27 -22.99
CA PHE A 229 -57.74 -62.56 -21.73
C PHE A 229 -58.32 -61.78 -20.56
N TYR A 230 -58.41 -62.45 -19.41
CA TYR A 230 -58.96 -61.84 -18.21
C TYR A 230 -58.05 -62.13 -17.02
N TRP A 231 -58.28 -61.45 -15.91
CA TRP A 231 -57.51 -61.74 -14.70
C TRP A 231 -58.41 -61.73 -13.48
N THR A 232 -57.98 -62.42 -12.44
CA THR A 232 -58.71 -62.49 -11.18
C THR A 232 -57.73 -62.45 -10.03
N ILE A 233 -57.95 -61.55 -9.09
CA ILE A 233 -57.10 -61.47 -7.92
C ILE A 233 -57.71 -62.24 -6.76
N VAL A 234 -56.93 -63.11 -6.14
CA VAL A 234 -57.41 -63.94 -5.06
C VAL A 234 -56.68 -63.62 -3.77
N GLU A 235 -57.33 -62.87 -2.89
CA GLU A 235 -56.75 -62.49 -1.60
C GLU A 235 -56.56 -63.72 -0.72
N PRO A 236 -55.63 -63.62 0.25
CA PRO A 236 -55.51 -64.64 1.29
C PRO A 236 -56.84 -64.86 2.01
N GLY A 237 -57.40 -66.07 1.88
CA GLY A 237 -58.68 -66.38 2.48
C GLY A 237 -59.79 -66.49 1.45
N ASP A 238 -59.44 -66.29 0.18
CA ASP A 238 -60.43 -66.39 -0.90
C ASP A 238 -60.05 -67.54 -1.86
N LEU A 239 -60.95 -67.82 -2.79
CA LEU A 239 -60.91 -69.00 -3.64
C LEU A 239 -61.22 -68.59 -5.08
N ILE A 240 -60.95 -69.48 -6.03
CA ILE A 240 -61.31 -69.19 -7.41
C ILE A 240 -61.82 -70.44 -8.14
N VAL A 241 -63.04 -70.33 -8.69
CA VAL A 241 -63.72 -71.44 -9.32
C VAL A 241 -63.79 -71.29 -10.84
N PHE A 242 -63.38 -72.33 -11.56
CA PHE A 242 -63.43 -72.31 -13.02
C PHE A 242 -64.55 -73.21 -13.54
N ASN A 243 -65.54 -72.61 -14.20
CA ASN A 243 -66.62 -73.36 -14.85
C ASN A 243 -66.57 -73.25 -16.36
N THR A 244 -66.57 -74.39 -17.06
CA THR A 244 -66.54 -74.35 -18.51
C THR A 244 -67.40 -75.38 -19.21
N ILE A 245 -68.38 -74.87 -19.94
CA ILE A 245 -69.13 -75.64 -20.92
C ILE A 245 -68.40 -75.52 -22.26
N GLY A 246 -67.22 -74.88 -22.24
CA GLY A 246 -66.37 -74.78 -23.42
C GLY A 246 -65.45 -73.57 -23.50
N ASN A 247 -64.36 -73.72 -24.26
CA ASN A 247 -63.51 -72.61 -24.72
C ASN A 247 -62.57 -71.89 -23.75
N LEU A 248 -62.32 -72.46 -22.58
CA LEU A 248 -61.42 -71.80 -21.63
C LEU A 248 -59.96 -71.97 -21.97
N ILE A 249 -59.26 -70.86 -22.14
CA ILE A 249 -57.81 -70.90 -22.13
C ILE A 249 -57.38 -70.85 -20.67
N ALA A 250 -57.29 -72.03 -20.05
CA ALA A 250 -57.06 -72.16 -18.62
C ALA A 250 -55.65 -71.76 -18.19
N PRO A 251 -55.49 -71.35 -16.92
CA PRO A 251 -54.18 -70.96 -16.39
C PRO A 251 -53.34 -72.14 -15.93
N ARG A 252 -52.01 -71.98 -15.98
CA ARG A 252 -51.10 -72.98 -15.43
C ARG A 252 -50.73 -72.58 -14.03
N GLY A 253 -51.31 -71.48 -13.56
CA GLY A 253 -50.87 -70.91 -12.30
C GLY A 253 -51.35 -69.55 -11.89
N HIS A 254 -50.66 -68.99 -10.90
CA HIS A 254 -50.88 -67.62 -10.45
C HIS A 254 -49.55 -66.90 -10.30
N TYR A 255 -49.59 -65.59 -10.50
CA TYR A 255 -48.45 -64.73 -10.22
C TYR A 255 -48.49 -64.27 -8.77
N LYS A 256 -47.31 -64.09 -8.19
CA LYS A 256 -47.20 -63.55 -6.83
C LYS A 256 -47.38 -62.04 -6.81
N LEU A 257 -48.22 -61.55 -5.91
CA LEU A 257 -48.41 -60.11 -5.75
C LEU A 257 -47.73 -59.58 -4.50
N ASN A 258 -46.86 -58.59 -4.67
CA ASN A 258 -46.30 -57.85 -3.55
C ASN A 258 -47.39 -57.14 -2.79
N ASN A 259 -47.30 -57.13 -1.45
CA ASN A 259 -48.24 -56.37 -0.64
C ASN A 259 -48.13 -54.90 -0.98
N GLN A 260 -46.90 -54.38 -0.96
CA GLN A 260 -46.64 -53.01 -1.39
C GLN A 260 -46.12 -53.00 -2.82
N LYS A 261 -46.87 -52.36 -3.71
CA LYS A 261 -46.49 -52.26 -5.12
C LYS A 261 -45.90 -50.89 -5.40
N LYS A 262 -44.60 -50.84 -5.65
CA LYS A 262 -43.89 -49.57 -5.74
C LYS A 262 -43.20 -49.35 -7.09
N SER A 263 -43.43 -50.25 -8.04
CA SER A 263 -42.71 -50.18 -9.32
C SER A 263 -43.56 -49.53 -10.38
N THR A 264 -42.98 -49.40 -11.59
CA THR A 264 -43.69 -48.81 -12.70
C THR A 264 -43.02 -49.17 -14.03
N ILE A 265 -43.66 -48.75 -15.11
CA ILE A 265 -43.19 -49.05 -16.45
C ILE A 265 -42.86 -47.75 -17.20
N LEU A 266 -41.82 -47.78 -18.00
CA LEU A 266 -41.45 -46.65 -18.85
C LEU A 266 -41.31 -47.13 -20.29
N ASN A 267 -42.14 -46.58 -21.17
CA ASN A 267 -42.08 -46.97 -22.58
C ASN A 267 -41.18 -46.04 -23.37
N THR A 268 -40.06 -46.57 -23.84
CA THR A 268 -39.12 -45.78 -24.61
C THR A 268 -38.22 -46.68 -25.46
N ALA A 269 -37.53 -46.09 -26.43
CA ALA A 269 -36.63 -46.84 -27.29
C ALA A 269 -35.17 -46.57 -26.95
N ILE A 270 -34.95 -45.80 -25.89
CA ILE A 270 -33.60 -45.43 -25.49
C ILE A 270 -32.84 -46.65 -24.98
N PRO A 271 -31.61 -46.86 -25.46
CA PRO A 271 -30.78 -47.98 -24.99
C PRO A 271 -30.37 -47.83 -23.53
N ILE A 272 -30.04 -48.94 -22.89
CA ILE A 272 -29.55 -48.92 -21.51
C ILE A 272 -28.02 -48.86 -21.51
N GLY A 273 -27.45 -48.03 -20.65
CA GLY A 273 -26.01 -47.79 -20.66
C GLY A 273 -25.27 -48.09 -19.37
N SER A 274 -24.29 -47.24 -19.06
CA SER A 274 -23.37 -47.48 -17.94
C SER A 274 -23.56 -46.52 -16.77
N CYS A 275 -24.18 -45.37 -17.05
CA CYS A 275 -24.26 -44.27 -16.09
C CYS A 275 -24.99 -44.60 -14.79
N VAL A 276 -24.89 -43.68 -13.83
CA VAL A 276 -25.63 -43.77 -12.57
C VAL A 276 -26.56 -42.57 -12.43
N SER A 277 -27.86 -42.84 -12.34
CA SER A 277 -28.85 -41.79 -12.22
C SER A 277 -30.20 -42.36 -11.78
N LYS A 278 -30.81 -41.73 -10.80
CA LYS A 278 -32.09 -42.17 -10.27
C LYS A 278 -33.29 -41.58 -11.02
N CYS A 279 -33.03 -40.87 -12.11
CA CYS A 279 -34.09 -40.17 -12.83
C CYS A 279 -34.12 -40.51 -14.32
N HIS A 280 -35.23 -41.08 -14.76
CA HIS A 280 -35.36 -41.55 -16.14
C HIS A 280 -36.55 -40.95 -16.87
N THR A 281 -36.27 -40.34 -18.02
CA THR A 281 -37.33 -39.89 -18.90
C THR A 281 -37.37 -40.79 -20.14
N ASP A 282 -38.45 -40.70 -20.90
CA ASP A 282 -38.58 -41.47 -22.13
C ASP A 282 -37.57 -41.02 -23.19
N LYS A 283 -36.92 -39.88 -22.95
CA LYS A 283 -35.89 -39.39 -23.85
C LYS A 283 -34.50 -39.82 -23.37
N GLY A 284 -34.47 -40.46 -22.20
CA GLY A 284 -33.22 -40.88 -21.61
C GLY A 284 -33.11 -40.42 -20.16
N SER A 285 -32.08 -40.89 -19.46
CA SER A 285 -31.89 -40.51 -18.07
C SER A 285 -31.46 -39.05 -17.91
N LEU A 286 -31.63 -38.53 -16.70
CA LEU A 286 -31.23 -37.18 -16.37
C LEU A 286 -30.17 -37.21 -15.29
N SER A 287 -29.11 -36.43 -15.47
CA SER A 287 -28.04 -36.37 -14.48
C SER A 287 -27.85 -34.92 -14.04
N THR A 288 -28.58 -34.53 -13.00
CA THR A 288 -28.66 -33.12 -12.64
C THR A 288 -28.99 -32.90 -11.16
N THR A 289 -28.69 -31.70 -10.69
CA THR A 289 -29.09 -31.28 -9.35
C THR A 289 -30.14 -30.17 -9.44
N LYS A 290 -30.41 -29.71 -10.66
CA LYS A 290 -31.40 -28.65 -10.88
C LYS A 290 -32.80 -29.11 -10.45
N PRO A 291 -33.60 -28.17 -9.91
CA PRO A 291 -34.96 -28.46 -9.42
C PRO A 291 -36.02 -28.66 -10.50
N PHE A 292 -35.75 -28.22 -11.72
CA PHE A 292 -36.74 -28.30 -12.79
C PHE A 292 -36.14 -28.85 -14.09
N GLN A 293 -37.00 -29.34 -14.97
CA GLN A 293 -36.56 -29.88 -16.26
C GLN A 293 -37.63 -29.63 -17.32
N ASN A 294 -37.20 -29.38 -18.56
CA ASN A 294 -38.15 -29.12 -19.66
C ASN A 294 -38.07 -30.22 -20.71
N ILE A 295 -37.53 -31.36 -20.32
CA ILE A 295 -37.20 -32.40 -21.28
C ILE A 295 -38.40 -33.27 -21.66
N SER A 296 -39.10 -33.81 -20.66
CA SER A 296 -40.31 -34.59 -20.91
C SER A 296 -41.21 -34.67 -19.68
N ARG A 297 -42.52 -34.65 -19.90
CA ARG A 297 -43.47 -34.78 -18.80
C ARG A 297 -43.52 -36.22 -18.30
N ILE A 298 -42.99 -37.14 -19.11
CA ILE A 298 -42.90 -38.53 -18.69
C ILE A 298 -41.59 -38.72 -17.94
N ALA A 299 -41.68 -38.79 -16.61
CA ALA A 299 -40.49 -38.82 -15.76
C ALA A 299 -40.66 -39.76 -14.58
N VAL A 300 -39.64 -40.56 -14.31
CA VAL A 300 -39.74 -41.64 -13.34
C VAL A 300 -38.52 -41.70 -12.43
N GLY A 301 -38.77 -41.77 -11.12
CA GLY A 301 -37.70 -41.88 -10.14
C GLY A 301 -37.53 -40.64 -9.27
N ASP A 302 -36.28 -40.29 -9.01
CA ASP A 302 -35.94 -39.10 -8.23
C ASP A 302 -35.59 -37.97 -9.19
N CYS A 303 -36.60 -37.20 -9.58
CA CYS A 303 -36.48 -36.31 -10.74
C CYS A 303 -36.75 -34.85 -10.42
N PRO A 304 -36.17 -33.94 -11.22
CA PRO A 304 -36.62 -32.54 -11.17
C PRO A 304 -38.09 -32.46 -11.60
N ARG A 305 -38.77 -31.38 -11.26
CA ARG A 305 -40.16 -31.24 -11.67
C ARG A 305 -40.25 -30.70 -13.10
N TYR A 306 -41.14 -31.29 -13.89
CA TYR A 306 -41.29 -30.86 -15.28
C TYR A 306 -41.96 -29.49 -15.35
N VAL A 307 -41.37 -28.60 -16.13
CA VAL A 307 -41.95 -27.28 -16.36
C VAL A 307 -41.90 -26.92 -17.84
N LYS A 308 -42.65 -25.90 -18.23
CA LYS A 308 -42.73 -25.51 -19.64
C LYS A 308 -41.53 -24.68 -20.11
N GLN A 309 -40.94 -23.92 -19.20
CA GLN A 309 -39.89 -22.98 -19.58
C GLN A 309 -38.59 -23.69 -19.90
N GLY A 310 -37.85 -23.16 -20.87
CA GLY A 310 -36.58 -23.73 -21.26
C GLY A 310 -35.41 -23.21 -20.44
N SER A 311 -35.65 -22.14 -19.70
CA SER A 311 -34.61 -21.57 -18.86
C SER A 311 -35.18 -20.68 -17.76
N LEU A 312 -34.65 -20.83 -16.56
CA LEU A 312 -34.98 -19.96 -15.43
C LEU A 312 -33.71 -19.68 -14.64
N LYS A 313 -33.15 -18.49 -14.81
CA LYS A 313 -31.87 -18.16 -14.19
C LYS A 313 -32.02 -17.53 -12.82
N LEU A 314 -31.35 -18.13 -11.85
CA LEU A 314 -31.31 -17.65 -10.48
C LEU A 314 -30.04 -16.84 -10.24
N ALA A 315 -30.20 -15.58 -9.85
CA ALA A 315 -29.05 -14.73 -9.52
C ALA A 315 -28.29 -15.27 -8.33
N THR A 316 -26.98 -15.44 -8.50
CA THR A 316 -26.11 -15.85 -7.40
C THR A 316 -25.08 -14.74 -7.10
N GLY A 317 -25.40 -13.53 -7.53
CA GLY A 317 -24.51 -12.39 -7.34
C GLY A 317 -25.25 -11.08 -7.48
N MET A 318 -24.57 -10.00 -7.13
CA MET A 318 -25.16 -8.67 -7.19
C MET A 318 -25.34 -8.20 -8.62
N ARG A 319 -26.06 -7.10 -8.79
CA ARG A 319 -26.15 -6.46 -10.10
C ARG A 319 -24.76 -6.11 -10.64
N ASN A 320 -24.59 -6.33 -11.94
CA ASN A 320 -23.34 -6.03 -12.61
C ASN A 320 -23.37 -4.66 -13.27
N ILE A 321 -22.57 -3.74 -12.73
CA ILE A 321 -22.45 -2.40 -13.29
C ILE A 321 -20.96 -2.10 -13.47
N PRO A 322 -20.44 -2.43 -14.66
CA PRO A 322 -18.99 -2.34 -14.92
C PRO A 322 -18.49 -0.95 -15.27
N GLU A 323 -17.16 -0.81 -15.23
CA GLU A 323 -16.31 0.32 -15.64
C GLU A 323 -15.43 0.73 -14.46
N GLY B 1 -31.82 -1.56 -6.29
CA GLY B 1 -32.17 -2.14 -5.01
C GLY B 1 -32.84 -1.14 -4.09
N LEU B 2 -33.29 -1.62 -2.92
CA LEU B 2 -34.06 -0.80 -2.00
C LEU B 2 -33.21 0.26 -1.30
N PHE B 3 -31.91 0.03 -1.23
CA PHE B 3 -31.06 0.91 -0.42
C PHE B 3 -30.35 1.96 -1.25
N GLY B 4 -30.38 1.80 -2.57
CA GLY B 4 -29.83 2.80 -3.46
C GLY B 4 -28.33 2.95 -3.43
N ALA B 5 -27.60 1.91 -3.02
CA ALA B 5 -26.15 1.95 -3.08
C ALA B 5 -25.64 1.43 -4.43
N ILE B 6 -25.81 0.12 -4.66
CA ILE B 6 -25.45 -0.48 -5.94
C ILE B 6 -26.37 0.07 -7.02
N ALA B 7 -25.77 0.50 -8.13
CA ALA B 7 -26.48 1.28 -9.14
C ALA B 7 -27.21 2.46 -8.50
N GLY B 8 -26.57 3.08 -7.53
CA GLY B 8 -27.12 4.22 -6.82
C GLY B 8 -26.04 5.24 -6.55
N PHE B 9 -25.78 5.57 -5.29
CA PHE B 9 -24.77 6.58 -4.99
C PHE B 9 -23.36 6.03 -5.19
N ILE B 10 -23.23 4.71 -5.35
CA ILE B 10 -22.05 4.12 -5.98
C ILE B 10 -22.38 3.98 -7.45
N GLU B 11 -21.64 4.67 -8.30
CA GLU B 11 -22.03 4.77 -9.70
C GLU B 11 -21.74 3.51 -10.48
N ASN B 12 -20.71 2.77 -10.06
CA ASN B 12 -20.38 1.50 -10.68
C ASN B 12 -19.50 0.63 -9.81
N GLY B 13 -19.31 -0.61 -10.24
CA GLY B 13 -18.47 -1.56 -9.53
C GLY B 13 -17.04 -1.57 -10.01
N TRP B 14 -16.20 -2.36 -9.35
CA TRP B 14 -14.76 -2.40 -9.60
C TRP B 14 -14.33 -3.72 -10.19
N GLN B 15 -13.96 -3.71 -11.46
CA GLN B 15 -13.48 -4.94 -12.09
C GLN B 15 -12.14 -5.37 -11.51
N GLY B 16 -11.42 -4.41 -10.94
CA GLY B 16 -10.14 -4.70 -10.31
C GLY B 16 -10.25 -5.52 -9.05
N LEU B 17 -11.37 -5.36 -8.34
CA LEU B 17 -11.60 -6.09 -7.09
C LEU B 17 -11.98 -7.53 -7.37
N ILE B 18 -11.01 -8.43 -7.35
CA ILE B 18 -11.26 -9.81 -7.79
C ILE B 18 -11.20 -10.84 -6.66
N ASP B 19 -10.89 -10.38 -5.45
CA ASP B 19 -10.81 -11.30 -4.32
C ASP B 19 -11.89 -11.02 -3.28
N GLY B 20 -12.93 -10.29 -3.68
CA GLY B 20 -14.04 -10.01 -2.78
C GLY B 20 -15.22 -9.41 -3.51
N TRP B 21 -16.38 -9.42 -2.86
CA TRP B 21 -17.57 -8.81 -3.44
C TRP B 21 -17.64 -7.34 -3.12
N TYR B 22 -17.02 -6.96 -2.00
CA TYR B 22 -17.00 -5.58 -1.54
C TYR B 22 -15.62 -5.25 -1.03
N GLY B 23 -15.26 -3.98 -1.05
CA GLY B 23 -13.98 -3.57 -0.50
C GLY B 23 -13.73 -2.08 -0.44
N PHE B 24 -12.48 -1.73 -0.12
CA PHE B 24 -12.07 -0.34 0.07
C PHE B 24 -11.09 0.09 -1.02
N ARG B 25 -11.29 1.29 -1.55
CA ARG B 25 -10.30 1.90 -2.42
C ARG B 25 -9.93 3.26 -1.85
N HIS B 26 -8.64 3.46 -1.58
CA HIS B 26 -8.20 4.67 -0.91
C HIS B 26 -7.18 5.44 -1.70
N GLN B 27 -6.94 6.67 -1.26
CA GLN B 27 -5.84 7.49 -1.73
C GLN B 27 -5.33 8.33 -0.58
N ASN B 28 -4.03 8.27 -0.31
CA ASN B 28 -3.41 9.11 0.70
C ASN B 28 -2.08 9.66 0.18
N ALA B 29 -1.32 10.33 1.04
CA ALA B 29 -0.09 11.00 0.62
C ALA B 29 0.90 10.06 -0.07
N GLU B 30 0.87 8.78 0.29
CA GLU B 30 1.85 7.85 -0.24
C GLU B 30 1.31 6.91 -1.33
N GLY B 31 0.05 7.07 -1.72
CA GLY B 31 -0.46 6.27 -2.82
C GLY B 31 -1.91 5.84 -2.78
N THR B 32 -2.22 4.77 -3.51
CA THR B 32 -3.57 4.24 -3.64
C THR B 32 -3.61 2.73 -3.46
N GLY B 33 -4.78 2.20 -3.15
CA GLY B 33 -4.91 0.77 -2.94
C GLY B 33 -6.35 0.30 -2.95
N THR B 34 -6.52 -0.95 -3.35
CA THR B 34 -7.83 -1.60 -3.29
C THR B 34 -7.68 -2.85 -2.43
N ALA B 35 -8.61 -3.05 -1.50
CA ALA B 35 -8.60 -4.23 -0.65
C ALA B 35 -10.02 -4.73 -0.39
N ALA B 36 -10.20 -6.04 -0.42
CA ALA B 36 -11.51 -6.64 -0.22
C ALA B 36 -11.94 -6.61 1.25
N ASP B 37 -13.24 -6.47 1.47
CA ASP B 37 -13.81 -6.62 2.80
C ASP B 37 -14.41 -8.02 2.90
N LEU B 38 -13.90 -8.81 3.82
CA LEU B 38 -14.25 -10.23 3.94
C LEU B 38 -15.60 -10.42 4.62
N LYS B 39 -15.87 -9.63 5.65
CA LYS B 39 -17.08 -9.77 6.44
C LYS B 39 -18.33 -9.52 5.61
N SER B 40 -18.33 -8.41 4.87
CA SER B 40 -19.44 -8.09 3.97
C SER B 40 -19.56 -9.12 2.85
N THR B 41 -18.42 -9.45 2.24
CA THR B 41 -18.40 -10.45 1.19
C THR B 41 -19.01 -11.76 1.67
N GLN B 42 -18.57 -12.22 2.83
CA GLN B 42 -19.02 -13.48 3.40
C GLN B 42 -20.51 -13.42 3.76
N ALA B 43 -20.95 -12.26 4.25
CA ALA B 43 -22.35 -12.09 4.64
C ALA B 43 -23.29 -12.28 3.45
N ALA B 44 -22.85 -11.85 2.27
CA ALA B 44 -23.67 -11.95 1.05
C ALA B 44 -23.61 -13.34 0.47
N ILE B 45 -22.43 -13.95 0.47
CA ILE B 45 -22.24 -15.28 -0.10
C ILE B 45 -23.03 -16.30 0.71
N ASP B 46 -22.95 -16.20 2.03
CA ASP B 46 -23.68 -17.10 2.91
C ASP B 46 -25.19 -17.02 2.68
N GLN B 47 -25.70 -15.80 2.48
CA GLN B 47 -27.14 -15.65 2.29
C GLN B 47 -27.57 -16.23 0.94
N ILE B 48 -26.76 -16.02 -0.10
CA ILE B 48 -27.09 -16.54 -1.41
C ILE B 48 -26.97 -18.06 -1.47
N ASN B 49 -25.88 -18.60 -0.93
CA ASN B 49 -25.72 -20.05 -0.87
C ASN B 49 -26.82 -20.73 -0.05
N GLY B 50 -27.37 -20.01 0.92
CA GLY B 50 -28.51 -20.50 1.67
C GLY B 50 -29.72 -20.72 0.78
N LYS B 51 -30.00 -19.75 -0.10
CA LYS B 51 -31.07 -19.87 -1.09
C LYS B 51 -30.85 -21.07 -1.99
N LEU B 52 -29.60 -21.26 -2.40
CA LEU B 52 -29.23 -22.34 -3.30
C LEU B 52 -29.52 -23.71 -2.69
N ASN B 53 -29.26 -23.85 -1.40
CA ASN B 53 -29.44 -25.12 -0.72
C ASN B 53 -30.90 -25.43 -0.42
N ARG B 54 -31.67 -24.42 -0.06
CA ARG B 54 -33.11 -24.60 0.13
C ARG B 54 -33.73 -25.08 -1.18
N LEU B 55 -33.20 -24.59 -2.28
CA LEU B 55 -33.66 -24.97 -3.62
C LEU B 55 -33.22 -26.38 -4.01
N ILE B 56 -31.95 -26.51 -4.34
CA ILE B 56 -31.39 -27.79 -4.77
C ILE B 56 -31.55 -28.82 -3.65
N GLU B 57 -32.30 -29.86 -4.00
CA GLU B 57 -32.84 -30.92 -3.13
C GLU B 57 -34.13 -30.48 -2.43
N LYS B 58 -35.21 -30.95 -3.03
CA LYS B 58 -36.45 -31.23 -2.31
C LYS B 58 -36.84 -32.59 -2.85
N THR B 59 -37.86 -33.23 -2.29
CA THR B 59 -38.14 -34.61 -2.67
C THR B 59 -39.30 -34.75 -3.66
N ASN B 60 -38.96 -35.05 -4.91
CA ASN B 60 -39.93 -35.38 -5.94
C ASN B 60 -39.67 -36.81 -6.44
N ASP B 61 -39.83 -37.78 -5.54
CA ASP B 61 -39.52 -39.17 -5.84
C ASP B 61 -40.79 -39.91 -6.25
N LYS B 62 -41.07 -39.91 -7.54
CA LYS B 62 -42.31 -40.47 -8.06
C LYS B 62 -42.06 -41.67 -8.96
N TYR B 63 -42.87 -42.72 -8.80
CA TYR B 63 -42.71 -43.90 -9.62
C TYR B 63 -43.94 -44.18 -10.47
N HIS B 64 -44.90 -44.94 -9.95
CA HIS B 64 -46.08 -45.24 -10.75
C HIS B 64 -47.07 -44.08 -10.72
N GLN B 65 -47.41 -43.56 -11.90
CA GLN B 65 -48.22 -42.36 -11.99
C GLN B 65 -49.43 -42.57 -12.90
N ILE B 66 -49.47 -41.88 -14.04
CA ILE B 66 -50.52 -42.08 -15.04
C ILE B 66 -49.93 -42.00 -16.44
N GLU B 67 -50.63 -42.57 -17.41
CA GLU B 67 -50.25 -42.46 -18.82
C GLU B 67 -50.36 -41.01 -19.26
N LYS B 68 -49.41 -40.57 -20.09
CA LYS B 68 -49.38 -39.17 -20.49
C LYS B 68 -49.30 -38.98 -22.00
N GLU B 69 -49.15 -40.09 -22.72
CA GLU B 69 -49.20 -40.05 -24.19
C GLU B 69 -50.24 -41.02 -24.72
N PHE B 70 -50.92 -40.63 -25.79
CA PHE B 70 -51.98 -41.47 -26.35
C PHE B 70 -51.95 -41.50 -27.87
N GLU B 71 -52.15 -42.69 -28.42
CA GLU B 71 -52.21 -42.88 -29.87
C GLU B 71 -53.42 -42.16 -30.44
N GLN B 72 -54.59 -42.65 -30.03
CA GLN B 72 -55.87 -42.15 -30.49
C GLN B 72 -56.72 -41.69 -29.31
N VAL B 73 -57.61 -40.73 -29.55
CA VAL B 73 -58.52 -40.26 -28.50
C VAL B 73 -59.54 -41.34 -28.12
N GLU B 74 -59.95 -41.33 -26.85
CA GLU B 74 -60.92 -42.30 -26.33
C GLU B 74 -62.12 -41.60 -25.71
N GLY B 75 -62.01 -40.29 -25.52
CA GLY B 75 -63.08 -39.53 -24.89
C GLY B 75 -62.89 -39.31 -23.40
N ARG B 76 -64.00 -39.37 -22.68
CA ARG B 76 -64.11 -38.92 -21.28
C ARG B 76 -62.92 -39.23 -20.37
N ILE B 77 -62.53 -40.49 -20.28
CA ILE B 77 -61.44 -40.88 -19.38
C ILE B 77 -60.10 -40.30 -19.81
N GLN B 78 -59.82 -40.33 -21.11
CA GLN B 78 -58.56 -39.79 -21.62
C GLN B 78 -58.47 -38.28 -21.41
N ASP B 79 -59.61 -37.60 -21.55
CA ASP B 79 -59.68 -36.16 -21.38
C ASP B 79 -59.32 -35.75 -19.96
N LEU B 80 -59.81 -36.52 -18.99
CA LEU B 80 -59.54 -36.26 -17.59
C LEU B 80 -58.04 -36.43 -17.32
N GLU B 81 -57.48 -37.56 -17.76
CA GLU B 81 -56.04 -37.83 -17.61
C GLU B 81 -55.18 -36.69 -18.18
N LYS B 82 -55.51 -36.24 -19.39
CA LYS B 82 -54.75 -35.17 -20.03
C LYS B 82 -54.92 -33.85 -19.27
N TYR B 83 -56.14 -33.56 -18.87
CA TYR B 83 -56.45 -32.33 -18.15
C TYR B 83 -55.74 -32.27 -16.81
N VAL B 84 -55.69 -33.41 -16.12
CA VAL B 84 -55.00 -33.51 -14.84
C VAL B 84 -53.52 -33.15 -14.98
N GLU B 85 -52.85 -33.78 -15.94
CA GLU B 85 -51.43 -33.51 -16.18
C GLU B 85 -51.18 -32.07 -16.62
N ASP B 86 -52.02 -31.57 -17.53
CA ASP B 86 -51.84 -30.22 -18.03
C ASP B 86 -52.00 -29.18 -16.91
N THR B 87 -52.92 -29.46 -15.99
CA THR B 87 -53.16 -28.59 -14.85
C THR B 87 -51.96 -28.60 -13.92
N LYS B 88 -51.43 -29.79 -13.65
CA LYS B 88 -50.23 -29.96 -12.84
C LYS B 88 -49.06 -29.14 -13.38
N ILE B 89 -48.78 -29.28 -14.67
CA ILE B 89 -47.66 -28.59 -15.31
C ILE B 89 -47.76 -27.07 -15.25
N ASP B 90 -48.97 -26.53 -15.40
CA ASP B 90 -49.16 -25.09 -15.36
C ASP B 90 -48.90 -24.53 -13.96
N LEU B 91 -49.36 -25.28 -12.96
CA LEU B 91 -49.19 -24.85 -11.59
C LEU B 91 -47.71 -24.93 -11.20
N TRP B 92 -47.02 -25.97 -11.64
CA TRP B 92 -45.60 -26.09 -11.30
C TRP B 92 -44.76 -25.11 -12.11
N SER B 93 -45.20 -24.82 -13.33
CA SER B 93 -44.51 -23.82 -14.14
C SER B 93 -44.65 -22.46 -13.48
N TYR B 94 -45.85 -22.17 -12.98
CA TYR B 94 -46.11 -20.93 -12.30
C TYR B 94 -45.21 -20.80 -11.06
N ASN B 95 -45.12 -21.87 -10.28
CA ASN B 95 -44.30 -21.87 -9.07
C ASN B 95 -42.84 -21.57 -9.37
N ALA B 96 -42.30 -22.21 -10.40
CA ALA B 96 -40.92 -22.00 -10.81
C ALA B 96 -40.70 -20.56 -11.26
N GLU B 97 -41.69 -20.00 -11.95
CA GLU B 97 -41.59 -18.64 -12.46
C GLU B 97 -41.56 -17.63 -11.32
N LEU B 98 -42.52 -17.76 -10.41
CA LEU B 98 -42.62 -16.86 -9.28
C LEU B 98 -41.43 -17.02 -8.34
N LEU B 99 -40.98 -18.26 -8.13
CA LEU B 99 -39.88 -18.53 -7.21
C LEU B 99 -38.62 -17.77 -7.62
N VAL B 100 -38.21 -17.98 -8.87
CA VAL B 100 -37.04 -17.34 -9.42
C VAL B 100 -37.15 -15.80 -9.33
N ALA B 101 -38.33 -15.28 -9.66
CA ALA B 101 -38.56 -13.85 -9.62
C ALA B 101 -38.43 -13.29 -8.20
N LEU B 102 -39.01 -14.00 -7.23
CA LEU B 102 -38.93 -13.63 -5.82
C LEU B 102 -37.52 -13.71 -5.29
N GLU B 103 -36.89 -14.86 -5.48
CA GLU B 103 -35.52 -15.07 -5.04
C GLU B 103 -34.59 -14.00 -5.60
N ASN B 104 -34.72 -13.73 -6.90
CA ASN B 104 -33.86 -12.75 -7.58
C ASN B 104 -34.09 -11.33 -7.07
N GLN B 105 -35.35 -10.98 -6.84
CA GLN B 105 -35.65 -9.65 -6.31
C GLN B 105 -35.00 -9.50 -4.94
N HIS B 106 -35.11 -10.55 -4.14
CA HIS B 106 -34.55 -10.55 -2.80
C HIS B 106 -33.01 -10.52 -2.82
N THR B 107 -32.41 -11.31 -3.71
CA THR B 107 -30.96 -11.42 -3.79
C THR B 107 -30.34 -10.07 -4.11
N ILE B 108 -30.98 -9.34 -5.02
CA ILE B 108 -30.49 -8.04 -5.41
C ILE B 108 -30.61 -7.07 -4.23
N ASP B 109 -31.70 -7.15 -3.49
CA ASP B 109 -31.88 -6.33 -2.29
C ASP B 109 -30.84 -6.66 -1.20
N VAL B 110 -30.60 -7.95 -0.99
CA VAL B 110 -29.62 -8.39 -0.02
C VAL B 110 -28.23 -7.83 -0.32
N THR B 111 -27.81 -7.92 -1.58
CA THR B 111 -26.47 -7.48 -1.96
C THR B 111 -26.34 -5.96 -1.88
N ASP B 112 -27.39 -5.26 -2.28
CA ASP B 112 -27.45 -3.81 -2.14
C ASP B 112 -27.40 -3.44 -0.66
N SER B 113 -28.11 -4.21 0.15
CA SER B 113 -28.10 -4.04 1.61
C SER B 113 -26.71 -4.21 2.21
N GLU B 114 -26.00 -5.26 1.80
CA GLU B 114 -24.68 -5.55 2.36
C GLU B 114 -23.67 -4.47 2.00
N MET B 115 -23.79 -3.92 0.80
CA MET B 115 -22.99 -2.78 0.40
C MET B 115 -23.23 -1.61 1.34
N ASN B 116 -24.49 -1.34 1.62
CA ASN B 116 -24.86 -0.21 2.48
C ASN B 116 -24.43 -0.41 3.94
N LYS B 117 -24.50 -1.64 4.43
CA LYS B 117 -24.04 -1.95 5.78
C LYS B 117 -22.55 -1.67 5.93
N LEU B 118 -21.79 -2.01 4.89
CA LEU B 118 -20.35 -1.77 4.89
C LEU B 118 -20.05 -0.28 4.95
N PHE B 119 -20.69 0.48 4.06
CA PHE B 119 -20.54 1.94 4.03
C PHE B 119 -20.89 2.56 5.39
N GLU B 120 -22.01 2.12 5.96
CA GLU B 120 -22.47 2.65 7.25
C GLU B 120 -21.53 2.28 8.40
N ARG B 121 -21.01 1.05 8.39
CA ARG B 121 -20.04 0.62 9.38
C ARG B 121 -18.84 1.55 9.38
N VAL B 122 -18.29 1.81 8.20
CA VAL B 122 -17.11 2.66 8.06
C VAL B 122 -17.42 4.11 8.44
N ARG B 123 -18.60 4.57 8.05
CA ARG B 123 -19.08 5.90 8.45
C ARG B 123 -19.07 6.07 9.96
N ARG B 124 -19.54 5.05 10.67
CA ARG B 124 -19.59 5.12 12.12
C ARG B 124 -18.19 5.11 12.74
N GLN B 125 -17.25 4.37 12.14
CA GLN B 125 -15.87 4.34 12.60
C GLN B 125 -15.22 5.72 12.61
N LEU B 126 -15.51 6.51 11.57
CA LEU B 126 -14.77 7.74 11.33
C LEU B 126 -15.26 8.92 12.18
N ARG B 127 -16.44 8.76 12.79
CA ARG B 127 -17.03 9.80 13.66
C ARG B 127 -17.04 11.17 13.01
N GLU B 128 -16.37 12.12 13.65
CA GLU B 128 -16.32 13.49 13.15
C GLU B 128 -15.06 13.76 12.33
N ASN B 129 -14.29 12.72 12.02
CA ASN B 129 -13.01 12.90 11.33
C ASN B 129 -13.10 12.90 9.82
N ALA B 130 -14.31 12.69 9.28
CA ALA B 130 -14.47 12.52 7.85
C ALA B 130 -15.86 12.96 7.36
N GLU B 131 -15.95 13.33 6.09
CA GLU B 131 -17.22 13.76 5.51
C GLU B 131 -17.60 12.92 4.28
N ASP B 132 -18.87 12.56 4.20
CA ASP B 132 -19.41 11.81 3.08
C ASP B 132 -19.37 12.67 1.81
N LYS B 133 -18.62 12.22 0.81
CA LYS B 133 -18.51 12.97 -0.45
C LYS B 133 -19.73 12.77 -1.34
N GLY B 134 -20.44 11.66 -1.14
CA GLY B 134 -21.69 11.43 -1.85
C GLY B 134 -21.66 10.29 -2.85
N ASN B 135 -20.46 9.77 -3.11
CA ASN B 135 -20.28 8.70 -4.07
C ASN B 135 -19.73 7.43 -3.43
N GLY B 136 -20.04 7.24 -2.15
CA GLY B 136 -19.54 6.10 -1.40
C GLY B 136 -18.12 6.34 -0.94
N CYS B 137 -17.70 7.60 -0.97
CA CYS B 137 -16.35 7.99 -0.57
C CYS B 137 -16.35 8.98 0.58
N PHE B 138 -15.42 8.78 1.51
CA PHE B 138 -15.24 9.71 2.61
C PHE B 138 -13.99 10.54 2.41
N GLU B 139 -14.14 11.85 2.53
CA GLU B 139 -12.98 12.71 2.65
C GLU B 139 -12.52 12.67 4.10
N ILE B 140 -11.28 12.23 4.30
CA ILE B 140 -10.70 12.16 5.64
C ILE B 140 -9.91 13.43 5.91
N PHE B 141 -10.23 14.12 7.00
CA PHE B 141 -9.65 15.42 7.26
C PHE B 141 -8.45 15.35 8.19
N HIS B 142 -7.59 14.37 7.96
CA HIS B 142 -6.34 14.26 8.69
C HIS B 142 -5.40 13.36 7.89
N LYS B 143 -4.10 13.61 8.01
CA LYS B 143 -3.11 12.75 7.37
C LYS B 143 -3.33 11.33 7.85
N CYS B 144 -3.37 10.40 6.90
CA CYS B 144 -3.73 9.02 7.19
C CYS B 144 -2.86 8.06 6.37
N ASP B 145 -1.78 7.58 6.99
CA ASP B 145 -0.85 6.70 6.30
C ASP B 145 -1.43 5.30 6.13
N ASN B 146 -0.64 4.38 5.58
CA ASN B 146 -1.13 3.03 5.28
C ASN B 146 -1.58 2.25 6.51
N ASN B 147 -0.92 2.45 7.63
CA ASN B 147 -1.32 1.83 8.89
C ASN B 147 -2.66 2.39 9.34
N CYS B 148 -2.85 3.68 9.07
CA CYS B 148 -4.08 4.37 9.41
C CYS B 148 -5.23 3.82 8.57
N ILE B 149 -5.01 3.71 7.26
CA ILE B 149 -5.97 3.11 6.35
C ILE B 149 -6.30 1.67 6.72
N GLU B 150 -5.27 0.89 7.04
CA GLU B 150 -5.49 -0.50 7.43
C GLU B 150 -6.28 -0.57 8.73
N SER B 151 -6.04 0.39 9.63
CA SER B 151 -6.76 0.42 10.91
C SER B 151 -8.25 0.65 10.68
N ILE B 152 -8.59 1.46 9.68
CA ILE B 152 -9.97 1.63 9.25
C ILE B 152 -10.57 0.33 8.70
N ARG B 153 -9.83 -0.34 7.81
CA ARG B 153 -10.35 -1.57 7.18
C ARG B 153 -10.49 -2.74 8.15
N ASN B 154 -9.61 -2.85 9.15
CA ASN B 154 -9.66 -3.97 10.09
C ASN B 154 -10.40 -3.59 11.37
N GLY B 155 -10.91 -2.37 11.41
CA GLY B 155 -11.79 -1.94 12.49
C GLY B 155 -11.12 -1.52 13.79
N THR B 156 -9.84 -1.18 13.73
CA THR B 156 -9.12 -0.81 14.95
C THR B 156 -8.86 0.69 15.04
N TYR B 157 -9.31 1.42 14.03
CA TYR B 157 -9.16 2.88 13.97
C TYR B 157 -9.77 3.56 15.20
N ASP B 158 -8.97 4.40 15.83
CA ASP B 158 -9.38 5.15 17.03
C ASP B 158 -9.54 6.63 16.68
N HIS B 159 -10.79 7.08 16.60
CA HIS B 159 -11.06 8.42 16.10
C HIS B 159 -10.51 9.52 17.00
N ASP B 160 -10.33 9.20 18.28
CA ASP B 160 -9.83 10.19 19.24
C ASP B 160 -8.40 10.65 18.93
N ILE B 161 -7.61 9.77 18.34
CA ILE B 161 -6.23 10.10 17.99
C ILE B 161 -6.14 11.25 16.98
N TYR B 162 -7.11 11.32 16.08
CA TYR B 162 -7.06 12.30 14.99
C TYR B 162 -8.10 13.41 15.10
N ARG B 163 -8.98 13.33 16.09
CA ARG B 163 -10.14 14.22 16.16
C ARG B 163 -9.76 15.70 16.18
N ASP B 164 -8.79 16.08 17.01
CA ASP B 164 -8.32 17.47 17.05
C ASP B 164 -7.88 17.95 15.67
N GLU B 165 -7.00 17.18 15.01
CA GLU B 165 -6.52 17.52 13.67
C GLU B 165 -7.68 17.59 12.67
N ALA B 166 -8.64 16.68 12.82
CA ALA B 166 -9.74 16.59 11.87
C ALA B 166 -10.75 17.72 12.03
N ILE B 167 -11.16 18.00 13.27
CA ILE B 167 -12.13 19.05 13.54
C ILE B 167 -11.62 20.40 13.04
N ASN B 168 -10.31 20.63 13.22
CA ASN B 168 -9.70 21.88 12.83
C ASN B 168 -9.63 22.05 11.31
N ASN B 169 -9.44 20.95 10.59
CA ASN B 169 -9.41 21.02 9.14
C ASN B 169 -10.81 21.20 8.55
N ARG B 170 -11.79 20.55 9.17
CA ARG B 170 -13.17 20.59 8.68
C ARG B 170 -13.80 21.98 8.82
N PHE B 171 -13.51 22.65 9.93
CA PHE B 171 -14.27 23.85 10.29
C PHE B 171 -13.46 25.14 10.23
N GLN B 172 -12.17 25.05 9.92
CA GLN B 172 -11.34 26.24 9.74
C GLN B 172 -10.31 26.04 8.64
N GLY C 5 2.45 -10.48 -17.32
CA GLY C 5 3.29 -10.01 -16.23
C GLY C 5 3.68 -8.54 -16.40
N ASN C 6 3.14 -7.70 -15.53
CA ASN C 6 3.28 -6.26 -15.67
C ASN C 6 3.26 -5.36 -14.41
N PRO C 7 3.49 -5.92 -13.19
CA PRO C 7 3.74 -4.89 -12.18
C PRO C 7 5.07 -4.20 -12.39
N VAL C 8 5.20 -2.97 -11.90
CA VAL C 8 6.35 -2.11 -12.15
C VAL C 8 6.87 -1.47 -10.85
N ILE C 9 8.16 -1.54 -10.60
CA ILE C 9 8.74 -0.80 -9.48
C ILE C 9 9.78 0.20 -9.97
N CYS C 10 9.69 1.43 -9.49
CA CYS C 10 10.59 2.49 -9.93
C CYS C 10 11.46 3.00 -8.79
N MET C 11 12.72 3.30 -9.10
CA MET C 11 13.63 3.90 -8.14
C MET C 11 13.82 5.37 -8.46
N GLY C 12 13.75 6.21 -7.44
CA GLY C 12 13.84 7.65 -7.67
C GLY C 12 14.41 8.41 -6.49
N HIS C 13 14.28 9.73 -6.58
CA HIS C 13 14.85 10.64 -5.60
C HIS C 13 13.90 11.82 -5.38
N HIS C 14 14.11 12.55 -4.28
CA HIS C 14 13.18 13.61 -3.94
C HIS C 14 13.44 14.87 -4.75
N ALA C 15 12.57 15.85 -4.54
CA ALA C 15 12.71 17.15 -5.18
C ALA C 15 11.81 18.14 -4.45
N VAL C 16 12.07 19.42 -4.66
CA VAL C 16 11.26 20.47 -4.08
C VAL C 16 10.88 21.46 -5.18
N ALA C 17 9.93 22.34 -4.91
CA ALA C 17 9.48 23.32 -5.90
C ALA C 17 10.63 24.20 -6.38
N ASN C 18 11.23 24.95 -5.46
CA ASN C 18 12.30 25.90 -5.79
C ASN C 18 13.54 25.62 -4.95
N GLY C 19 14.65 25.32 -5.62
CA GLY C 19 15.89 25.02 -4.93
C GLY C 19 16.84 26.18 -4.90
N THR C 20 18.11 25.91 -4.57
CA THR C 20 19.12 26.95 -4.46
C THR C 20 20.20 26.79 -5.53
N MET C 21 20.66 27.91 -6.09
CA MET C 21 21.69 27.88 -7.11
C MET C 21 23.08 27.82 -6.49
N VAL C 22 23.94 26.95 -7.01
CA VAL C 22 25.33 26.85 -6.54
C VAL C 22 26.30 26.75 -7.73
N LYS C 23 27.58 26.99 -7.45
CA LYS C 23 28.60 26.85 -8.48
C LYS C 23 29.33 25.53 -8.35
N THR C 24 29.75 24.99 -9.49
CA THR C 24 30.67 23.87 -9.50
C THR C 24 31.87 24.26 -10.34
N LEU C 25 32.75 23.31 -10.64
CA LEU C 25 33.86 23.57 -11.54
C LEU C 25 33.33 23.88 -12.95
N ALA C 26 32.27 23.18 -13.33
CA ALA C 26 31.77 23.23 -14.69
C ALA C 26 30.61 24.19 -14.91
N ASP C 27 29.95 24.59 -13.82
CA ASP C 27 28.70 25.34 -13.96
C ASP C 27 28.57 26.37 -12.85
N ASP C 28 28.23 27.60 -13.21
CA ASP C 28 28.18 28.67 -12.21
C ASP C 28 26.77 28.84 -11.62
N GLN C 29 25.80 28.10 -12.15
CA GLN C 29 24.47 28.05 -11.56
C GLN C 29 23.82 26.67 -11.74
N VAL C 30 23.77 25.92 -10.64
CA VAL C 30 23.17 24.60 -10.62
C VAL C 30 22.17 24.57 -9.48
N GLU C 31 20.99 24.03 -9.73
CA GLU C 31 19.98 24.02 -8.68
C GLU C 31 20.08 22.73 -7.87
N VAL C 32 20.33 22.87 -6.57
CA VAL C 32 20.33 21.73 -5.66
C VAL C 32 19.21 21.90 -4.63
N VAL C 33 18.85 20.81 -3.97
CA VAL C 33 17.69 20.80 -3.09
C VAL C 33 17.89 21.69 -1.86
N THR C 34 19.05 21.58 -1.23
CA THR C 34 19.41 22.49 -0.14
C THR C 34 20.85 22.97 -0.26
N ALA C 35 21.12 24.15 0.30
CA ALA C 35 22.48 24.65 0.37
C ALA C 35 22.70 25.40 1.68
N GLN C 36 23.96 25.56 2.03
CA GLN C 36 24.35 26.31 3.23
C GLN C 36 25.36 27.38 2.82
N GLU C 37 25.16 28.60 3.31
CA GLU C 37 26.02 29.74 2.99
C GLU C 37 27.26 29.73 3.88
N LEU C 38 28.45 29.84 3.27
CA LEU C 38 29.68 29.79 4.04
C LEU C 38 30.30 31.17 4.32
N VAL C 39 29.72 32.22 3.76
CA VAL C 39 30.22 33.57 4.01
C VAL C 39 29.31 34.33 4.95
N GLU C 40 29.82 34.64 6.14
CA GLU C 40 29.10 35.47 7.08
C GLU C 40 29.10 36.93 6.63
N SER C 41 27.92 37.49 6.41
CA SER C 41 27.83 38.88 5.96
C SER C 41 26.99 39.75 6.90
N GLN C 42 26.65 39.18 8.05
CA GLN C 42 25.94 39.92 9.10
C GLN C 42 26.84 40.05 10.32
N ASN C 43 26.87 41.25 10.90
CA ASN C 43 27.57 41.42 12.17
C ASN C 43 26.66 42.04 13.22
N LEU C 44 27.02 41.80 14.47
CA LEU C 44 26.38 42.48 15.61
C LEU C 44 26.75 43.95 15.63
N PRO C 45 25.83 44.81 16.11
CA PRO C 45 26.10 46.24 16.23
C PRO C 45 26.80 46.61 17.54
N GLU C 46 27.36 45.62 18.22
CA GLU C 46 28.05 45.83 19.49
C GLU C 46 29.27 44.93 19.62
N LEU C 47 30.14 45.23 20.58
CA LEU C 47 31.28 44.37 20.88
C LEU C 47 30.98 43.51 22.10
N CYS C 48 31.22 42.21 21.99
CA CYS C 48 30.99 41.28 23.08
C CYS C 48 32.12 41.33 24.11
N PRO C 49 31.77 41.61 25.38
CA PRO C 49 32.77 41.74 26.46
C PRO C 49 33.23 40.40 27.02
N SER C 50 32.71 39.31 26.45
CA SER C 50 33.09 37.97 26.89
C SER C 50 33.17 37.05 25.67
N PRO C 51 34.09 36.06 25.70
CA PRO C 51 35.01 35.66 26.77
C PRO C 51 36.38 36.33 26.74
N LEU C 52 36.62 37.19 25.75
CA LEU C 52 37.86 37.96 25.71
C LEU C 52 37.72 39.21 26.59
N ARG C 53 38.81 39.61 27.25
CA ARG C 53 38.80 40.82 28.07
C ARG C 53 38.96 42.07 27.24
N LEU C 54 37.90 42.85 27.12
CA LEU C 54 37.99 44.13 26.45
C LEU C 54 38.15 45.27 27.45
N VAL C 55 39.15 46.12 27.23
CA VAL C 55 39.27 47.34 28.00
C VAL C 55 38.97 48.52 27.08
N ASP C 56 37.99 49.34 27.47
CA ASP C 56 37.58 50.51 26.71
C ASP C 56 38.39 51.74 27.13
N GLY C 57 39.10 52.33 26.18
CA GLY C 57 39.94 53.49 26.45
C GLY C 57 39.11 54.75 26.63
N GLN C 58 37.88 54.71 26.12
CA GLN C 58 36.95 55.84 26.17
C GLN C 58 37.56 57.07 25.49
N THR C 59 38.01 58.05 26.27
CA THR C 59 38.53 59.28 25.66
C THR C 59 40.06 59.31 25.53
N CYS C 60 40.74 58.30 26.09
CA CYS C 60 42.18 58.17 25.91
C CYS C 60 42.52 57.16 24.82
N ASP C 61 43.40 57.52 23.89
CA ASP C 61 44.00 56.50 23.04
C ASP C 61 45.06 55.81 23.89
N ILE C 62 45.64 54.71 23.39
CA ILE C 62 46.52 53.91 24.23
C ILE C 62 47.81 54.67 24.61
N ILE C 63 48.20 55.63 23.80
CA ILE C 63 49.41 56.40 24.06
C ILE C 63 49.19 57.37 25.21
N ASN C 64 48.07 58.11 25.18
CA ASN C 64 47.74 59.02 26.26
C ASN C 64 47.52 58.29 27.58
N GLY C 65 46.91 57.10 27.49
CA GLY C 65 46.68 56.28 28.66
C GLY C 65 47.98 55.89 29.34
N ALA C 66 49.01 55.61 28.55
CA ALA C 66 50.31 55.20 29.06
C ALA C 66 51.08 56.37 29.64
N LEU C 67 50.90 57.55 29.05
CA LEU C 67 51.55 58.75 29.53
C LEU C 67 50.90 59.21 30.83
N GLY C 68 49.64 58.86 31.02
CA GLY C 68 48.91 59.25 32.21
C GLY C 68 48.28 60.63 32.08
N SER C 69 47.80 60.93 30.89
CA SER C 69 47.09 62.19 30.62
C SER C 69 45.81 62.28 31.45
N PRO C 70 45.28 63.50 31.62
CA PRO C 70 43.99 63.67 32.30
C PRO C 70 42.89 62.87 31.62
N GLY C 71 42.09 62.16 32.42
CA GLY C 71 41.00 61.36 31.88
C GLY C 71 41.38 59.92 31.61
N CYS C 72 42.63 59.56 31.91
CA CYS C 72 43.14 58.22 31.63
C CYS C 72 43.39 57.40 32.88
N ASP C 73 42.83 57.84 34.02
CA ASP C 73 43.09 57.18 35.29
C ASP C 73 42.35 55.85 35.38
N HIS C 74 41.24 55.75 34.66
CA HIS C 74 40.50 54.49 34.59
C HIS C 74 41.31 53.38 33.92
N LEU C 75 42.40 53.75 33.26
CA LEU C 75 43.20 52.78 32.52
C LEU C 75 44.35 52.25 33.36
N ASN C 76 44.54 52.81 34.55
CA ASN C 76 45.58 52.35 35.46
C ASN C 76 45.27 50.93 35.92
N GLY C 77 46.26 50.05 35.83
CA GLY C 77 46.11 48.68 36.28
C GLY C 77 45.36 47.78 35.31
N ALA C 78 44.82 48.36 34.25
CA ALA C 78 43.98 47.63 33.30
C ALA C 78 44.73 46.50 32.61
N GLU C 79 44.04 45.40 32.39
CA GLU C 79 44.58 44.25 31.66
C GLU C 79 43.59 43.82 30.57
N TRP C 80 44.10 43.51 29.38
CA TRP C 80 43.22 43.23 28.26
C TRP C 80 43.76 42.19 27.30
N ASP C 81 42.83 41.53 26.63
CA ASP C 81 43.13 40.79 25.42
C ASP C 81 43.09 41.77 24.26
N VAL C 82 42.05 42.59 24.24
CA VAL C 82 41.87 43.58 23.19
C VAL C 82 41.58 44.97 23.76
N PHE C 83 42.49 45.89 23.51
CA PHE C 83 42.28 47.28 23.86
C PHE C 83 41.38 47.95 22.84
N ILE C 84 40.28 48.53 23.30
CA ILE C 84 39.36 49.23 22.41
C ILE C 84 39.68 50.73 22.41
N GLU C 85 40.29 51.18 21.32
CA GLU C 85 40.72 52.57 21.15
C GLU C 85 39.67 53.34 20.35
N ARG C 86 39.17 54.44 20.92
CA ARG C 86 38.05 55.16 20.30
C ARG C 86 38.52 56.25 19.33
N PRO C 87 37.98 56.24 18.09
CA PRO C 87 38.30 57.21 17.05
C PRO C 87 38.23 58.66 17.51
N ASN C 88 37.30 58.97 18.41
CA ASN C 88 37.16 60.35 18.85
C ASN C 88 37.92 60.65 20.14
N ALA C 89 38.97 59.89 20.40
CA ALA C 89 39.85 60.15 21.54
C ALA C 89 40.46 61.54 21.39
N VAL C 90 40.60 62.23 22.51
CA VAL C 90 40.99 63.63 22.50
C VAL C 90 42.22 63.87 23.37
N ASP C 91 43.19 64.60 22.82
CA ASP C 91 44.34 65.03 23.61
C ASP C 91 43.92 65.98 24.73
N THR C 92 44.29 65.66 25.96
CA THR C 92 43.93 66.48 27.11
C THR C 92 45.15 67.03 27.86
N CYS C 93 46.29 67.09 27.18
CA CYS C 93 47.53 67.43 27.86
C CYS C 93 48.49 68.20 26.93
N TYR C 94 49.75 68.29 27.34
CA TYR C 94 50.77 69.01 26.57
C TYR C 94 50.91 68.45 25.17
N PRO C 95 50.96 69.33 24.16
CA PRO C 95 51.18 68.90 22.77
C PRO C 95 52.45 68.07 22.65
N PHE C 96 52.34 66.89 22.03
CA PHE C 96 53.47 65.97 21.95
C PHE C 96 53.50 65.18 20.65
N ASP C 97 54.67 64.63 20.34
CA ASP C 97 54.82 63.69 19.24
C ASP C 97 55.62 62.49 19.72
N VAL C 98 55.46 61.36 19.03
CA VAL C 98 56.27 60.18 19.31
C VAL C 98 56.99 59.76 18.04
N PRO C 99 58.30 60.06 17.95
CA PRO C 99 59.16 59.76 16.80
C PRO C 99 58.88 58.40 16.14
N GLU C 100 58.61 57.36 16.92
CA GLU C 100 58.22 56.07 16.33
C GLU C 100 56.84 55.65 16.82
N TYR C 101 55.86 56.52 16.55
CA TYR C 101 54.53 56.43 17.16
C TYR C 101 53.90 55.06 17.06
N GLN C 102 53.83 54.52 15.85
CA GLN C 102 53.13 53.27 15.62
C GLN C 102 53.81 52.12 16.33
N SER C 103 55.14 52.17 16.45
CA SER C 103 55.86 51.08 17.13
C SER C 103 55.63 51.11 18.64
N LEU C 104 55.52 52.29 19.21
CA LEU C 104 55.26 52.40 20.63
C LEU C 104 53.85 51.93 20.91
N ARG C 105 52.93 52.37 20.06
CA ARG C 105 51.53 52.00 20.18
C ARG C 105 51.36 50.49 20.08
N SER C 106 52.22 49.86 19.26
CA SER C 106 52.19 48.41 19.06
C SER C 106 52.66 47.65 20.30
N ILE C 107 53.75 48.13 20.90
CA ILE C 107 54.34 47.47 22.06
C ILE C 107 53.37 47.50 23.24
N LEU C 108 52.72 48.64 23.44
CA LEU C 108 51.76 48.79 24.52
C LEU C 108 50.53 47.92 24.31
N ALA C 109 50.06 47.88 23.06
CA ALA C 109 48.90 47.06 22.71
C ALA C 109 49.21 45.58 22.87
N ASN C 110 50.33 45.16 22.28
CA ASN C 110 50.75 43.77 22.36
C ASN C 110 51.00 43.33 23.81
N ASN C 111 51.67 44.17 24.59
CA ASN C 111 51.99 43.84 25.97
C ASN C 111 50.76 43.42 26.76
N GLY C 112 49.74 44.27 26.80
CA GLY C 112 48.43 43.86 27.28
C GLY C 112 48.03 44.28 28.67
N LYS C 113 48.83 45.15 29.29
CA LYS C 113 48.48 45.66 30.61
C LYS C 113 49.13 47.00 30.90
N PHE C 114 48.51 47.76 31.79
CA PHE C 114 49.08 48.99 32.31
C PHE C 114 49.41 48.79 33.78
N GLU C 115 50.57 48.20 34.04
CA GLU C 115 50.98 47.89 35.40
C GLU C 115 52.21 48.70 35.80
N PHE C 116 51.98 49.92 36.31
CA PHE C 116 53.07 50.87 36.56
C PHE C 116 53.77 50.66 37.90
N ILE C 117 55.09 50.71 37.87
CA ILE C 117 55.89 50.58 39.08
C ILE C 117 56.60 51.91 39.40
N ALA C 118 56.22 52.52 40.52
CA ALA C 118 56.84 53.75 40.97
C ALA C 118 58.29 53.51 41.38
N GLU C 119 59.17 54.39 40.92
CA GLU C 119 60.56 54.39 41.34
C GLU C 119 60.92 55.78 41.76
N GLU C 120 61.80 55.92 42.75
CA GLU C 120 62.20 57.26 43.14
C GLU C 120 63.53 57.63 42.50
N PHE C 121 63.48 58.68 41.68
CA PHE C 121 64.66 59.21 41.02
C PHE C 121 65.17 60.40 41.82
N GLN C 122 66.43 60.37 42.22
CA GLN C 122 66.97 61.46 43.03
C GLN C 122 67.67 62.51 42.17
N TRP C 123 66.84 63.26 41.44
CA TRP C 123 67.30 64.41 40.70
C TRP C 123 67.91 65.41 41.68
N ASN C 124 69.05 65.98 41.31
CA ASN C 124 69.87 66.80 42.22
C ASN C 124 69.21 68.13 42.57
N THR C 125 69.85 69.22 42.19
CA THR C 125 69.41 70.53 42.65
C THR C 125 68.22 71.05 41.85
N VAL C 126 67.83 70.33 40.79
CA VAL C 126 66.75 70.81 39.94
C VAL C 126 65.41 70.75 40.63
N LYS C 127 64.50 71.60 40.19
CA LYS C 127 63.14 71.55 40.71
C LYS C 127 62.30 70.56 39.93
N GLN C 128 61.42 69.89 40.65
CA GLN C 128 60.58 68.83 40.10
C GLN C 128 59.13 69.19 39.91
N ASN C 129 58.42 68.29 39.25
CA ASN C 129 56.97 68.34 39.08
C ASN C 129 56.37 69.58 38.39
N GLY C 130 56.99 70.06 37.32
CA GLY C 130 56.43 71.15 36.54
C GLY C 130 55.07 70.82 35.96
N LYS C 131 54.18 71.81 35.87
CA LYS C 131 52.84 71.58 35.34
C LYS C 131 52.50 72.60 34.25
N SER C 132 51.29 72.52 33.72
CA SER C 132 50.90 73.36 32.58
C SER C 132 49.40 73.64 32.53
N GLY C 133 49.05 74.73 31.86
CA GLY C 133 47.66 75.10 31.68
C GLY C 133 47.04 74.38 30.50
N ALA C 134 47.91 73.80 29.67
CA ALA C 134 47.47 73.00 28.54
C ALA C 134 47.10 71.58 28.99
N CYS C 135 47.50 71.22 30.20
CA CYS C 135 47.22 69.90 30.74
C CYS C 135 46.48 70.01 32.08
N LYS C 136 45.30 70.62 32.07
CA LYS C 136 44.54 70.78 33.30
C LYS C 136 43.92 69.46 33.74
N ARG C 137 44.10 69.12 35.01
CA ARG C 137 43.37 68.00 35.60
C ARG C 137 42.41 68.52 36.65
N ALA C 138 41.12 68.29 36.43
CA ALA C 138 40.06 68.85 37.27
C ALA C 138 40.19 70.37 37.38
N ASN C 139 40.39 71.02 36.23
CA ASN C 139 40.46 72.48 36.11
C ASN C 139 41.69 73.09 36.82
N VAL C 140 42.58 72.24 37.32
CA VAL C 140 43.84 72.72 37.88
C VAL C 140 45.01 72.31 36.98
N ASN C 141 45.98 73.20 36.79
CA ASN C 141 47.16 72.92 35.99
C ASN C 141 47.85 71.63 36.42
N ASP C 142 48.28 70.84 35.44
CA ASP C 142 48.84 69.53 35.72
C ASP C 142 49.76 69.06 34.59
N PHE C 143 50.08 67.76 34.59
CA PHE C 143 50.97 67.17 33.60
C PHE C 143 50.63 65.68 33.45
N PHE C 144 51.33 64.97 32.56
CA PHE C 144 51.18 63.53 32.46
C PHE C 144 51.58 62.89 33.78
N ASN C 145 50.67 62.18 34.44
CA ASN C 145 50.99 61.72 35.80
C ASN C 145 52.04 60.60 35.84
N ARG C 146 52.54 60.20 34.67
CA ARG C 146 53.60 59.20 34.60
C ARG C 146 54.94 59.85 34.27
N LEU C 147 54.89 61.14 33.92
CA LEU C 147 56.11 61.90 33.56
C LEU C 147 56.42 62.99 34.60
N ASN C 148 57.69 63.40 34.65
CA ASN C 148 58.13 64.40 35.62
C ASN C 148 58.93 65.54 34.98
N TRP C 149 58.35 66.73 34.95
CA TRP C 149 58.98 67.90 34.33
C TRP C 149 60.03 68.55 35.23
N LEU C 150 61.27 68.58 34.77
CA LEU C 150 62.37 69.12 35.54
C LEU C 150 62.82 70.49 35.02
N VAL C 151 63.02 71.43 35.94
CA VAL C 151 63.53 72.77 35.59
C VAL C 151 64.59 73.25 36.58
N LYS C 152 65.21 74.38 36.26
CA LYS C 152 66.24 74.99 37.11
C LYS C 152 65.80 75.26 38.55
N SER C 153 66.78 75.30 39.45
CA SER C 153 66.52 75.78 40.81
C SER C 153 66.28 77.28 40.76
N ASP C 154 65.76 77.84 41.86
CA ASP C 154 65.50 79.29 41.91
C ASP C 154 66.80 80.05 41.81
N GLY C 155 67.84 79.48 42.39
CA GLY C 155 69.17 80.06 42.31
C GLY C 155 69.79 79.79 40.96
N ASN C 156 68.96 79.52 39.95
CA ASN C 156 69.42 79.20 38.60
C ASN C 156 70.53 78.16 38.62
N ALA C 157 70.16 76.88 38.63
CA ALA C 157 71.14 75.81 38.59
C ALA C 157 70.56 74.53 37.99
N TYR C 158 71.09 74.15 36.83
CA TYR C 158 70.74 72.88 36.23
C TYR C 158 72.00 72.03 36.06
N PRO C 159 72.47 71.43 37.15
CA PRO C 159 73.66 70.59 37.11
C PRO C 159 73.43 69.34 36.27
N LEU C 160 74.49 68.81 35.68
CA LEU C 160 74.41 67.59 34.90
C LEU C 160 73.77 66.48 35.73
N GLN C 161 72.58 66.04 35.31
CA GLN C 161 71.88 64.93 35.97
C GLN C 161 72.42 63.61 35.46
N ASN C 162 72.44 62.60 36.34
CA ASN C 162 73.15 61.37 36.04
C ASN C 162 72.76 60.27 37.03
N LEU C 163 71.60 59.68 36.79
CA LEU C 163 71.03 58.65 37.66
C LEU C 163 71.00 57.31 36.95
N THR C 164 70.96 56.23 37.71
CA THR C 164 71.00 54.91 37.12
C THR C 164 70.05 53.96 37.82
N LYS C 165 69.20 53.31 37.03
CA LYS C 165 68.28 52.32 37.55
C LYS C 165 68.70 50.94 37.06
N ILE C 166 68.88 50.03 38.01
CA ILE C 166 69.35 48.69 37.72
C ILE C 166 68.20 47.69 37.78
N ASN C 167 68.13 46.79 36.79
CA ASN C 167 67.07 45.79 36.72
C ASN C 167 67.54 44.41 37.14
N ASN C 168 66.88 43.88 38.15
CA ASN C 168 67.34 42.76 38.93
C ASN C 168 66.11 42.00 39.38
N GLY C 169 64.98 42.49 38.88
CA GLY C 169 63.74 41.76 38.85
C GLY C 169 63.70 40.71 37.75
N ASP C 170 62.61 39.94 37.73
CA ASP C 170 62.46 38.84 36.79
C ASP C 170 61.50 39.21 35.66
N TYR C 171 61.57 40.47 35.22
CA TYR C 171 60.72 40.93 34.13
C TYR C 171 61.38 42.12 33.45
N ALA C 172 61.13 42.29 32.17
CA ALA C 172 61.69 43.42 31.43
C ALA C 172 60.91 44.69 31.75
N ARG C 173 61.61 45.83 31.75
CA ARG C 173 60.98 47.08 32.14
C ARG C 173 60.85 48.05 30.98
N LEU C 174 59.71 48.73 30.90
CA LEU C 174 59.49 49.74 29.88
C LEU C 174 59.52 51.13 30.50
N TYR C 175 60.59 51.87 30.21
CA TYR C 175 60.71 53.25 30.67
C TYR C 175 60.27 54.20 29.57
N ILE C 176 59.33 55.08 29.88
CA ILE C 176 58.93 56.11 28.93
C ILE C 176 59.39 57.49 29.40
N TRP C 177 60.29 58.09 28.65
CA TRP C 177 60.82 59.41 28.95
C TRP C 177 60.56 60.34 27.77
N GLY C 178 60.89 61.61 27.94
CA GLY C 178 60.61 62.61 26.92
C GLY C 178 61.62 63.74 26.84
N VAL C 179 61.47 64.58 25.82
CA VAL C 179 62.36 65.71 25.60
C VAL C 179 61.54 66.95 25.28
N HIS C 180 61.80 68.04 26.00
CA HIS C 180 61.03 69.27 25.82
C HIS C 180 61.64 70.19 24.77
N HIS C 181 60.78 70.72 23.90
CA HIS C 181 61.20 71.61 22.82
C HIS C 181 60.61 73.00 22.99
N PRO C 182 61.37 73.93 23.57
CA PRO C 182 60.94 75.32 23.74
C PRO C 182 60.85 76.05 22.40
N SER C 183 60.04 77.10 22.35
CA SER C 183 59.84 77.84 21.10
C SER C 183 60.89 78.94 20.89
N THR C 184 61.52 79.40 21.97
CA THR C 184 62.53 80.45 21.88
C THR C 184 63.79 80.10 22.68
N ASP C 185 64.85 80.87 22.47
CA ASP C 185 66.03 80.76 23.30
C ASP C 185 65.72 81.38 24.66
N THR C 186 64.73 82.26 24.68
CA THR C 186 64.28 82.91 25.91
C THR C 186 63.43 81.96 26.76
N GLU C 187 62.66 81.10 26.09
CA GLU C 187 61.87 80.09 26.79
C GLU C 187 62.79 79.01 27.34
N GLN C 188 63.76 78.60 26.52
CA GLN C 188 64.79 77.65 26.94
C GLN C 188 65.52 78.21 28.15
N THR C 189 65.86 79.49 28.06
CA THR C 189 66.51 80.25 29.12
C THR C 189 65.84 80.09 30.47
N ASN C 190 64.56 80.47 30.52
CA ASN C 190 63.81 80.51 31.78
C ASN C 190 63.56 79.15 32.41
N LEU C 191 63.75 78.09 31.63
CA LEU C 191 63.42 76.74 32.09
C LEU C 191 64.63 75.96 32.57
N TYR C 192 65.65 75.82 31.72
CA TYR C 192 66.73 74.89 31.98
C TYR C 192 68.09 75.57 32.11
N LYS C 193 68.08 76.90 32.16
CA LYS C 193 69.30 77.68 32.15
C LYS C 193 70.19 77.48 30.91
N ASN C 194 70.80 76.30 30.84
CA ASN C 194 71.73 75.98 29.78
C ASN C 194 71.06 76.12 28.41
N ASN C 195 71.87 76.13 27.37
CA ASN C 195 71.40 76.24 26.00
C ASN C 195 72.55 75.88 25.06
N PRO C 196 72.39 74.81 24.27
CA PRO C 196 71.21 73.96 24.14
C PRO C 196 71.06 72.95 25.28
N GLY C 197 69.91 72.27 25.31
CA GLY C 197 69.67 71.24 26.31
C GLY C 197 70.38 69.95 25.95
N GLY C 198 69.65 68.84 26.02
CA GLY C 198 70.22 67.56 25.65
C GLY C 198 69.94 66.46 26.66
N VAL C 199 69.47 65.32 26.15
CA VAL C 199 69.28 64.13 26.97
C VAL C 199 69.96 62.94 26.32
N THR C 200 70.66 62.15 27.12
CA THR C 200 71.22 60.89 26.63
C THR C 200 70.81 59.77 27.57
N VAL C 201 69.92 58.90 27.08
CA VAL C 201 69.52 57.74 27.84
C VAL C 201 70.34 56.55 27.38
N SER C 202 70.98 55.87 28.33
CA SER C 202 71.92 54.80 28.00
C SER C 202 71.51 53.46 28.61
N THR C 203 71.87 52.39 27.91
CA THR C 203 71.76 51.05 28.44
C THR C 203 73.12 50.38 28.25
N LYS C 204 73.25 49.15 28.72
CA LYS C 204 74.44 48.37 28.43
C LYS C 204 74.57 48.21 26.92
N THR C 205 73.43 48.05 26.27
CA THR C 205 73.36 47.61 24.88
C THR C 205 73.20 48.78 23.91
N SER C 206 72.94 49.97 24.44
CA SER C 206 72.66 51.12 23.58
C SER C 206 72.83 52.48 24.26
N GLN C 207 72.61 53.53 23.48
CA GLN C 207 72.43 54.86 24.02
C GLN C 207 71.60 55.65 23.00
N THR C 208 70.81 56.61 23.48
CA THR C 208 69.99 57.42 22.61
C THR C 208 70.08 58.88 23.04
N SER C 209 70.56 59.73 22.14
CA SER C 209 70.77 61.14 22.48
C SER C 209 69.88 62.05 21.66
N VAL C 210 69.19 62.96 22.36
CA VAL C 210 68.30 63.90 21.70
C VAL C 210 68.72 65.34 21.96
N VAL C 211 68.90 66.10 20.88
CA VAL C 211 69.11 67.54 21.01
C VAL C 211 67.79 68.26 20.72
N PRO C 212 67.35 69.09 21.68
CA PRO C 212 66.06 69.77 21.56
C PRO C 212 66.00 70.69 20.34
N ASN C 213 64.82 70.81 19.74
CA ASN C 213 64.62 71.77 18.67
C ASN C 213 63.92 73.01 19.19
N ILE C 214 64.49 74.17 18.87
CA ILE C 214 63.92 75.43 19.30
C ILE C 214 63.48 76.25 18.10
N GLY C 215 62.18 76.33 17.89
CA GLY C 215 61.64 77.05 16.75
C GLY C 215 60.17 77.37 16.90
N SER C 216 59.69 78.24 16.02
CA SER C 216 58.28 78.58 15.99
C SER C 216 57.47 77.39 15.47
N ARG C 217 56.56 76.92 16.29
CA ARG C 217 55.65 75.86 15.89
C ARG C 217 54.22 76.35 16.05
N PRO C 218 53.30 75.75 15.28
CA PRO C 218 51.86 76.05 15.35
C PRO C 218 51.33 76.05 16.78
N LEU C 219 50.23 76.76 17.00
CA LEU C 219 49.66 76.81 18.33
C LEU C 219 48.69 75.65 18.55
N VAL C 220 49.06 74.76 19.46
CA VAL C 220 48.19 73.66 19.85
C VAL C 220 47.92 73.73 21.33
N ARG C 221 46.65 73.87 21.69
CA ARG C 221 46.22 74.02 23.08
C ARG C 221 46.92 75.22 23.71
N GLY C 222 47.20 76.22 22.88
CA GLY C 222 47.82 77.46 23.33
C GLY C 222 49.31 77.39 23.59
N LEU C 223 50.03 76.63 22.76
CA LEU C 223 51.48 76.50 22.92
C LEU C 223 52.20 76.26 21.59
N SER C 224 53.45 76.72 21.51
CA SER C 224 54.30 76.49 20.35
C SER C 224 55.40 75.51 20.70
N SER C 225 55.54 75.26 22.00
CA SER C 225 56.48 74.27 22.50
C SER C 225 55.92 72.84 22.37
N ARG C 226 56.79 71.84 22.45
CA ARG C 226 56.40 70.44 22.28
C ARG C 226 57.13 69.51 23.25
N VAL C 227 56.65 68.27 23.36
CA VAL C 227 57.38 67.23 24.05
C VAL C 227 57.49 66.00 23.16
N SER C 228 58.72 65.55 22.90
CA SER C 228 58.93 64.36 22.10
C SER C 228 59.14 63.18 23.03
N PHE C 229 58.45 62.08 22.77
CA PHE C 229 58.51 60.95 23.68
C PHE C 229 59.29 59.78 23.12
N TYR C 230 59.98 59.10 24.03
CA TYR C 230 60.83 57.98 23.67
C TYR C 230 60.61 56.87 24.68
N TRP C 231 61.13 55.69 24.38
CA TRP C 231 61.05 54.61 25.34
C TRP C 231 62.32 53.77 25.32
N THR C 232 62.53 53.08 26.42
CA THR C 232 63.68 52.22 26.57
C THR C 232 63.19 50.96 27.26
N ILE C 233 63.45 49.81 26.66
CA ILE C 233 63.18 48.55 27.34
C ILE C 233 64.45 48.13 28.06
N VAL C 234 64.31 47.77 29.33
CA VAL C 234 65.44 47.31 30.13
C VAL C 234 65.22 45.87 30.54
N GLU C 235 66.01 44.97 29.98
CA GLU C 235 65.88 43.55 30.29
C GLU C 235 66.41 43.26 31.69
N PRO C 236 66.00 42.13 32.28
CA PRO C 236 66.60 41.70 33.55
C PRO C 236 68.10 41.49 33.39
N GLY C 237 68.89 42.18 34.22
CA GLY C 237 70.33 42.06 34.16
C GLY C 237 70.98 43.20 33.42
N ASP C 238 70.16 44.13 32.95
CA ASP C 238 70.65 45.33 32.29
C ASP C 238 70.25 46.52 33.16
N LEU C 239 70.62 47.72 32.76
CA LEU C 239 70.33 48.91 33.54
C LEU C 239 70.26 50.14 32.64
N ILE C 240 69.69 51.22 33.17
CA ILE C 240 69.45 52.41 32.36
C ILE C 240 70.00 53.69 33.02
N VAL C 241 70.74 54.47 32.22
CA VAL C 241 71.36 55.69 32.71
C VAL C 241 70.75 56.91 32.02
N PHE C 242 70.26 57.85 32.82
CA PHE C 242 69.70 59.10 32.29
C PHE C 242 70.68 60.26 32.45
N ASN C 243 71.01 60.91 31.33
CA ASN C 243 71.90 62.07 31.34
C ASN C 243 71.19 63.32 30.86
N THR C 244 71.31 64.42 31.61
CA THR C 244 70.67 65.66 31.18
C THR C 244 71.40 66.94 31.58
N ILE C 245 71.54 67.85 30.61
CA ILE C 245 71.96 69.21 30.88
C ILE C 245 70.78 70.15 30.59
N GLY C 246 69.57 69.59 30.62
CA GLY C 246 68.35 70.34 30.37
C GLY C 246 67.38 69.64 29.42
N ASN C 247 66.09 69.97 29.60
CA ASN C 247 64.98 69.59 28.70
C ASN C 247 64.40 68.17 28.86
N LEU C 248 64.84 67.43 29.87
CA LEU C 248 64.31 66.07 30.06
C LEU C 248 62.93 66.04 30.72
N ILE C 249 61.99 65.38 30.07
CA ILE C 249 60.73 65.02 30.72
C ILE C 249 60.88 63.63 31.29
N ALA C 250 61.22 63.56 32.58
CA ALA C 250 61.70 62.35 33.21
C ALA C 250 60.60 61.37 33.59
N PRO C 251 60.93 60.07 33.64
CA PRO C 251 60.00 59.01 34.06
C PRO C 251 59.82 58.95 35.56
N ARG C 252 58.63 58.57 36.02
CA ARG C 252 58.40 58.37 37.44
C ARG C 252 58.52 56.90 37.82
N GLY C 253 59.11 56.12 36.91
CA GLY C 253 59.21 54.68 37.12
C GLY C 253 59.07 53.93 35.80
N HIS C 254 58.65 52.68 35.87
CA HIS C 254 58.55 51.85 34.68
C HIS C 254 57.26 51.05 34.61
N TYR C 255 56.90 50.66 33.40
CA TYR C 255 55.81 49.71 33.19
C TYR C 255 56.35 48.30 33.20
N LYS C 256 55.57 47.37 33.76
CA LYS C 256 55.91 45.95 33.68
C LYS C 256 55.64 45.41 32.28
N LEU C 257 56.56 44.60 31.78
CA LEU C 257 56.33 43.87 30.53
C LEU C 257 56.10 42.38 30.80
N ASN C 258 55.00 41.85 30.26
CA ASN C 258 54.79 40.40 30.22
C ASN C 258 55.87 39.73 29.37
N ASN C 259 56.39 38.60 29.84
CA ASN C 259 57.35 37.84 29.07
C ASN C 259 56.75 37.47 27.72
N GLN C 260 55.54 36.92 27.76
CA GLN C 260 54.81 36.57 26.55
C GLN C 260 53.69 37.57 26.31
N LYS C 261 53.76 38.24 25.17
CA LYS C 261 52.80 39.27 24.82
C LYS C 261 51.81 38.72 23.79
N LYS C 262 50.53 38.71 24.13
CA LYS C 262 49.51 38.08 23.28
C LYS C 262 48.30 38.97 23.03
N SER C 263 48.36 40.24 23.42
CA SER C 263 47.20 41.11 23.27
C SER C 263 47.34 42.02 22.06
N THR C 264 46.31 42.82 21.81
CA THR C 264 46.30 43.70 20.66
C THR C 264 45.30 44.84 20.84
N ILE C 265 45.20 45.68 19.83
CA ILE C 265 44.37 46.85 19.89
C ILE C 265 43.39 46.86 18.72
N LEU C 266 42.20 47.39 18.95
CA LEU C 266 41.20 47.51 17.91
C LEU C 266 40.59 48.91 17.91
N ASN C 267 40.77 49.64 16.81
CA ASN C 267 40.25 51.00 16.73
C ASN C 267 38.87 51.00 16.12
N THR C 268 37.87 51.21 16.97
CA THR C 268 36.48 51.25 16.53
C THR C 268 35.63 52.11 17.46
N ALA C 269 34.49 52.57 16.96
CA ALA C 269 33.56 53.37 17.75
C ALA C 269 32.37 52.53 18.24
N ILE C 270 32.30 51.29 17.78
CA ILE C 270 31.23 50.37 18.15
C ILE C 270 31.18 50.16 19.67
N PRO C 271 30.00 50.38 20.27
CA PRO C 271 29.81 50.24 21.71
C PRO C 271 29.96 48.80 22.20
N ILE C 272 30.44 48.64 23.43
CA ILE C 272 30.54 47.32 24.07
C ILE C 272 29.18 46.92 24.65
N GLY C 273 28.70 45.72 24.29
CA GLY C 273 27.38 45.27 24.69
C GLY C 273 27.33 44.18 25.76
N SER C 274 26.48 43.19 25.55
CA SER C 274 26.25 42.12 26.53
C SER C 274 26.28 40.74 25.90
N CYS C 275 26.58 40.68 24.61
CA CYS C 275 26.63 39.41 23.88
C CYS C 275 27.89 38.62 24.21
N VAL C 276 27.95 37.38 23.72
CA VAL C 276 29.14 36.53 23.89
C VAL C 276 29.72 36.19 22.53
N SER C 277 31.01 36.45 22.35
CA SER C 277 31.70 36.14 21.10
C SER C 277 33.21 36.27 21.23
N LYS C 278 33.92 35.44 20.49
CA LYS C 278 35.38 35.49 20.48
C LYS C 278 35.90 36.17 19.22
N CYS C 279 34.99 36.73 18.42
CA CYS C 279 35.40 37.34 17.15
C CYS C 279 34.92 38.78 17.06
N HIS C 280 35.88 39.70 16.98
CA HIS C 280 35.59 41.12 16.95
C HIS C 280 36.14 41.79 15.70
N THR C 281 35.27 42.46 14.96
CA THR C 281 35.71 43.31 13.85
C THR C 281 35.53 44.76 14.25
N ASP C 282 36.10 45.67 13.47
CA ASP C 282 35.93 47.10 13.73
C ASP C 282 34.50 47.54 13.41
N LYS C 283 33.71 46.66 12.78
CA LYS C 283 32.31 46.95 12.53
C LYS C 283 31.46 46.35 13.65
N GLY C 284 32.11 45.59 14.53
CA GLY C 284 31.41 44.93 15.62
C GLY C 284 31.67 43.44 15.65
N SER C 285 31.19 42.77 16.70
CA SER C 285 31.44 41.34 16.88
C SER C 285 30.69 40.46 15.89
N LEU C 286 31.17 39.23 15.74
CA LEU C 286 30.55 38.25 14.85
C LEU C 286 30.06 37.06 15.63
N SER C 287 28.80 36.68 15.42
CA SER C 287 28.28 35.49 16.06
C SER C 287 27.90 34.50 14.97
N THR C 288 28.85 33.67 14.58
CA THR C 288 28.70 32.81 13.42
C THR C 288 29.53 31.53 13.53
N THR C 289 29.15 30.51 12.78
CA THR C 289 29.96 29.29 12.65
C THR C 289 30.53 29.14 11.25
N LYS C 290 30.12 30.02 10.32
CA LYS C 290 30.63 30.00 8.95
C LYS C 290 32.16 30.16 8.90
N PRO C 291 32.81 29.53 7.91
CA PRO C 291 34.27 29.57 7.80
C PRO C 291 34.82 30.86 7.19
N PHE C 292 33.97 31.66 6.56
CA PHE C 292 34.41 32.90 5.93
C PHE C 292 33.51 34.08 6.28
N GLN C 293 34.02 35.29 6.06
CA GLN C 293 33.28 36.53 6.34
C GLN C 293 33.75 37.62 5.38
N ASN C 294 32.86 38.55 5.08
CA ASN C 294 33.16 39.61 4.13
C ASN C 294 32.98 40.99 4.76
N ILE C 295 32.85 41.01 6.08
CA ILE C 295 32.48 42.21 6.81
C ILE C 295 33.65 43.19 6.96
N SER C 296 34.79 42.70 7.41
CA SER C 296 35.97 43.54 7.50
C SER C 296 37.25 42.73 7.54
N ARG C 297 38.30 43.23 6.88
CA ARG C 297 39.62 42.63 6.95
C ARG C 297 40.24 42.83 8.33
N ILE C 298 39.70 43.79 9.08
CA ILE C 298 40.19 44.03 10.43
C ILE C 298 39.41 43.15 11.39
N ALA C 299 40.07 42.10 11.87
CA ALA C 299 39.40 41.09 12.68
C ALA C 299 40.34 40.51 13.74
N VAL C 300 39.86 40.47 14.97
CA VAL C 300 40.66 40.01 16.10
C VAL C 300 39.96 38.87 16.83
N GLY C 301 40.73 37.84 17.21
CA GLY C 301 40.17 36.73 17.95
C GLY C 301 40.01 35.45 17.14
N ASP C 302 39.02 34.64 17.49
CA ASP C 302 38.72 33.39 16.80
C ASP C 302 37.70 33.68 15.70
N CYS C 303 38.18 34.02 14.50
CA CYS C 303 37.31 34.54 13.44
C CYS C 303 37.22 33.67 12.18
N PRO C 304 36.14 33.83 11.41
CA PRO C 304 36.12 33.33 10.04
C PRO C 304 37.19 34.04 9.22
N ARG C 305 37.67 33.40 8.16
CA ARG C 305 38.66 34.06 7.34
C ARG C 305 38.02 35.12 6.45
N TYR C 306 38.65 36.29 6.36
CA TYR C 306 38.11 37.36 5.53
C TYR C 306 38.31 37.08 4.04
N VAL C 307 37.27 37.33 3.25
CA VAL C 307 37.28 37.07 1.82
C VAL C 307 36.53 38.15 1.05
N LYS C 308 36.84 38.29 -0.23
CA LYS C 308 36.21 39.32 -1.07
C LYS C 308 34.76 39.01 -1.43
N GLN C 309 34.43 37.73 -1.58
CA GLN C 309 33.10 37.35 -2.05
C GLN C 309 32.04 37.66 -1.00
N GLY C 310 30.89 38.13 -1.47
CA GLY C 310 29.75 38.35 -0.60
C GLY C 310 28.98 37.07 -0.29
N SER C 311 29.13 36.06 -1.15
CA SER C 311 28.40 34.82 -0.94
C SER C 311 29.07 33.61 -1.59
N LEU C 312 29.11 32.50 -0.86
CA LEU C 312 29.57 31.23 -1.39
C LEU C 312 28.71 30.08 -0.86
N LYS C 313 27.77 29.61 -1.68
CA LYS C 313 26.86 28.56 -1.25
C LYS C 313 27.45 27.17 -1.43
N LEU C 314 27.43 26.41 -0.34
CA LEU C 314 27.82 25.01 -0.34
C LEU C 314 26.60 24.12 -0.50
N ALA C 315 26.60 23.25 -1.51
CA ALA C 315 25.48 22.34 -1.72
C ALA C 315 25.41 21.28 -0.61
N THR C 316 24.22 21.07 -0.07
CA THR C 316 24.01 20.08 0.99
C THR C 316 22.95 19.07 0.57
N GLY C 317 22.71 18.99 -0.74
CA GLY C 317 21.71 18.10 -1.28
C GLY C 317 21.93 17.90 -2.75
N MET C 318 21.22 16.94 -3.32
CA MET C 318 21.35 16.60 -4.72
C MET C 318 20.80 17.68 -5.63
N ARG C 319 20.98 17.50 -6.94
CA ARG C 319 20.38 18.40 -7.90
C ARG C 319 18.87 18.35 -7.81
N ASN C 320 18.24 19.51 -7.95
CA ASN C 320 16.81 19.63 -7.86
C ASN C 320 16.19 19.65 -9.25
N ILE C 321 15.51 18.56 -9.61
CA ILE C 321 14.78 18.50 -10.87
C ILE C 321 13.31 18.16 -10.59
N PRO C 322 12.48 19.21 -10.42
CA PRO C 322 11.10 19.05 -9.98
C PRO C 322 10.16 18.49 -11.05
N GLU C 323 8.87 18.41 -10.67
CA GLU C 323 7.78 17.71 -11.38
C GLU C 323 7.79 16.22 -11.05
N GLY D 1 26.04 14.84 -13.50
CA GLY D 1 26.57 13.81 -12.63
C GLY D 1 27.27 12.73 -13.43
N LEU D 2 28.31 12.16 -12.84
CA LEU D 2 29.13 11.16 -13.52
C LEU D 2 28.36 9.87 -13.87
N PHE D 3 27.30 9.56 -13.14
CA PHE D 3 26.64 8.26 -13.34
C PHE D 3 25.41 8.29 -14.24
N GLY D 4 24.90 9.48 -14.51
CA GLY D 4 23.82 9.64 -15.45
C GLY D 4 22.47 9.18 -14.93
N ALA D 5 22.37 9.03 -13.61
CA ALA D 5 21.09 8.66 -12.99
C ALA D 5 20.24 9.91 -12.72
N ILE D 6 20.63 10.69 -11.72
CA ILE D 6 19.95 11.94 -11.43
C ILE D 6 20.12 12.89 -12.62
N ALA D 7 19.03 13.53 -13.05
CA ALA D 7 19.01 14.35 -14.26
C ALA D 7 19.59 13.58 -15.44
N GLY D 8 19.31 12.29 -15.47
CA GLY D 8 19.79 11.40 -16.51
C GLY D 8 18.71 10.42 -16.90
N PHE D 9 18.89 9.13 -16.64
CA PHE D 9 17.86 8.17 -17.03
C PHE D 9 16.70 8.14 -16.03
N ILE D 10 16.87 8.78 -14.87
CA ILE D 10 15.74 9.19 -14.04
C ILE D 10 15.42 10.60 -14.48
N GLU D 11 14.24 10.80 -15.04
CA GLU D 11 13.95 12.06 -15.72
C GLU D 11 13.66 13.21 -14.76
N ASN D 12 13.20 12.88 -13.56
CA ASN D 12 13.01 13.91 -12.53
C ASN D 12 12.84 13.30 -11.15
N GLY D 13 12.88 14.15 -10.13
CA GLY D 13 12.67 13.73 -8.77
C GLY D 13 11.21 13.81 -8.35
N TRP D 14 10.93 13.31 -7.14
CA TRP D 14 9.58 13.23 -6.63
C TRP D 14 9.35 14.20 -5.49
N GLN D 15 8.51 15.20 -5.71
CA GLN D 15 8.19 16.14 -4.65
C GLN D 15 7.38 15.49 -3.55
N GLY D 16 6.69 14.41 -3.89
CA GLY D 16 5.90 13.67 -2.93
C GLY D 16 6.73 12.83 -1.96
N LEU D 17 7.96 12.50 -2.35
CA LEU D 17 8.87 11.80 -1.45
C LEU D 17 9.43 12.78 -0.43
N ILE D 18 8.79 12.84 0.74
CA ILE D 18 9.12 13.87 1.71
C ILE D 18 9.78 13.30 2.97
N ASP D 19 9.95 11.99 3.02
CA ASP D 19 10.55 11.36 4.19
C ASP D 19 11.83 10.60 3.85
N GLY D 20 12.42 10.93 2.70
CA GLY D 20 13.67 10.29 2.31
C GLY D 20 14.27 10.97 1.10
N TRP D 21 15.54 10.70 0.85
CA TRP D 21 16.20 11.24 -0.33
C TRP D 21 15.97 10.36 -1.54
N TYR D 22 15.88 9.06 -1.28
CA TYR D 22 15.69 8.09 -2.34
C TYR D 22 14.56 7.19 -1.95
N GLY D 23 13.96 6.53 -2.93
CA GLY D 23 12.92 5.58 -2.60
C GLY D 23 12.36 4.82 -3.78
N PHE D 24 11.28 4.09 -3.51
CA PHE D 24 10.63 3.23 -4.48
C PHE D 24 9.24 3.75 -4.81
N ARG D 25 8.87 3.65 -6.09
CA ARG D 25 7.50 3.92 -6.51
C ARG D 25 7.01 2.76 -7.38
N HIS D 26 5.98 2.05 -6.91
CA HIS D 26 5.52 0.85 -7.58
C HIS D 26 4.08 0.93 -8.07
N GLN D 27 3.73 0.06 -9.00
CA GLN D 27 2.34 -0.18 -9.35
C GLN D 27 2.10 -1.69 -9.49
N ASN D 28 1.11 -2.20 -8.78
CA ASN D 28 0.74 -3.61 -8.93
C ASN D 28 -0.76 -3.77 -9.02
N ALA D 29 -1.24 -5.01 -8.98
CA ALA D 29 -2.66 -5.28 -9.18
C ALA D 29 -3.55 -4.55 -8.17
N GLU D 30 -3.05 -4.25 -6.98
CA GLU D 30 -3.89 -3.63 -5.97
C GLU D 30 -3.64 -2.13 -5.77
N GLY D 31 -2.68 -1.57 -6.49
CA GLY D 31 -2.47 -0.13 -6.38
C GLY D 31 -1.03 0.35 -6.49
N THR D 32 -0.82 1.58 -6.02
CA THR D 32 0.48 2.26 -6.16
C THR D 32 0.97 2.79 -4.82
N GLY D 33 2.27 3.00 -4.70
CA GLY D 33 2.83 3.50 -3.46
C GLY D 33 4.17 4.15 -3.63
N THR D 34 4.57 4.92 -2.63
CA THR D 34 5.88 5.54 -2.58
C THR D 34 6.44 5.36 -1.18
N ALA D 35 7.65 4.82 -1.09
CA ALA D 35 8.32 4.64 0.19
C ALA D 35 9.79 5.02 0.08
N ALA D 36 10.31 5.63 1.13
CA ALA D 36 11.71 6.06 1.19
C ALA D 36 12.63 4.87 1.41
N ASP D 37 13.85 4.95 0.88
CA ASP D 37 14.88 3.95 1.19
C ASP D 37 15.86 4.60 2.17
N LEU D 38 15.95 4.00 3.36
CA LEU D 38 16.68 4.58 4.47
C LEU D 38 18.17 4.50 4.26
N LYS D 39 18.64 3.37 3.75
CA LYS D 39 20.07 3.11 3.65
C LYS D 39 20.74 4.05 2.65
N SER D 40 20.15 4.20 1.47
CA SER D 40 20.68 5.09 0.45
C SER D 40 20.60 6.55 0.91
N THR D 41 19.50 6.89 1.56
CA THR D 41 19.30 8.24 2.07
C THR D 41 20.35 8.58 3.10
N GLN D 42 20.55 7.66 4.04
CA GLN D 42 21.50 7.85 5.13
C GLN D 42 22.93 7.92 4.61
N ALA D 43 23.22 7.14 3.57
CA ALA D 43 24.55 7.15 2.96
C ALA D 43 24.89 8.51 2.38
N ALA D 44 23.89 9.11 1.73
CA ALA D 44 24.06 10.43 1.13
C ALA D 44 24.20 11.52 2.20
N ILE D 45 23.35 11.46 3.22
CA ILE D 45 23.36 12.46 4.28
C ILE D 45 24.65 12.39 5.07
N ASP D 46 25.09 11.17 5.37
CA ASP D 46 26.31 10.98 6.15
C ASP D 46 27.52 11.61 5.46
N GLN D 47 27.62 11.41 4.14
CA GLN D 47 28.76 11.94 3.39
C GLN D 47 28.72 13.47 3.28
N ILE D 48 27.52 14.05 3.23
CA ILE D 48 27.38 15.50 3.17
C ILE D 48 27.68 16.16 4.51
N ASN D 49 27.09 15.65 5.58
CA ASN D 49 27.37 16.16 6.92
C ASN D 49 28.85 16.03 7.27
N GLY D 50 29.51 15.00 6.71
CA GLY D 50 30.95 14.86 6.86
C GLY D 50 31.70 16.05 6.28
N LYS D 51 31.32 16.45 5.07
CA LYS D 51 31.89 17.65 4.43
C LYS D 51 31.67 18.89 5.27
N LEU D 52 30.45 19.03 5.79
CA LEU D 52 30.09 20.19 6.60
C LEU D 52 30.99 20.34 7.85
N ASN D 53 31.31 19.22 8.47
CA ASN D 53 32.07 19.24 9.72
C ASN D 53 33.56 19.55 9.54
N ARG D 54 34.18 19.04 8.47
CA ARG D 54 35.57 19.35 8.17
C ARG D 54 35.71 20.86 7.93
N LEU D 55 34.69 21.45 7.32
CA LEU D 55 34.66 22.87 7.01
C LEU D 55 34.46 23.74 8.25
N ILE D 56 33.22 23.88 8.70
CA ILE D 56 32.99 24.73 9.88
C ILE D 56 34.28 24.87 10.67
N GLU D 57 34.55 23.92 11.56
CA GLU D 57 35.69 24.02 12.49
C GLU D 57 37.11 23.68 11.99
N LYS D 58 37.84 24.71 11.56
CA LYS D 58 39.30 24.77 11.56
C LYS D 58 39.61 26.08 12.29
N THR D 59 40.86 26.43 12.51
CA THR D 59 41.06 27.55 13.43
C THR D 59 41.96 28.68 12.93
N ASN D 60 41.36 29.87 12.94
CA ASN D 60 41.99 31.15 12.59
C ASN D 60 41.90 32.07 13.79
N ASP D 61 42.64 31.72 14.85
CA ASP D 61 42.60 32.46 16.11
C ASP D 61 43.77 33.44 16.18
N LYS D 62 43.54 34.68 15.75
CA LYS D 62 44.60 35.68 15.60
C LYS D 62 44.39 36.92 16.48
N TYR D 63 45.48 37.45 17.02
CA TYR D 63 45.37 38.65 17.84
C TYR D 63 46.19 39.80 17.28
N HIS D 64 47.42 39.98 17.73
CA HIS D 64 48.21 41.09 17.22
C HIS D 64 48.67 40.78 15.81
N GLN D 65 48.36 41.68 14.88
CA GLN D 65 48.67 41.47 13.46
C GLN D 65 49.42 42.66 12.87
N ILE D 66 48.78 43.37 11.94
CA ILE D 66 49.32 44.62 11.41
C ILE D 66 48.19 45.62 11.23
N GLU D 67 48.54 46.90 11.11
CA GLU D 67 47.58 47.91 10.74
C GLU D 67 47.11 47.63 9.31
N LYS D 68 45.83 47.89 9.07
CA LYS D 68 45.24 47.60 7.77
C LYS D 68 44.48 48.81 7.22
N GLU D 69 44.41 49.88 7.99
CA GLU D 69 43.81 51.13 7.51
C GLU D 69 44.75 52.30 7.76
N PHE D 70 44.84 53.22 6.80
CA PHE D 70 45.77 54.33 6.94
C PHE D 70 45.15 55.66 6.50
N GLU D 71 45.43 56.73 7.26
CA GLU D 71 44.87 58.04 6.96
C GLU D 71 45.49 58.63 5.70
N GLN D 72 46.81 58.81 5.75
CA GLN D 72 47.58 59.35 4.64
C GLN D 72 48.69 58.37 4.25
N VAL D 73 49.13 58.42 3.00
CA VAL D 73 50.23 57.59 2.54
C VAL D 73 51.55 57.95 3.22
N GLU D 74 52.41 56.96 3.41
CA GLU D 74 53.74 57.18 4.00
C GLU D 74 54.82 56.69 3.04
N GLY D 75 54.46 55.80 2.13
CA GLY D 75 55.45 55.25 1.21
C GLY D 75 55.83 53.81 1.49
N ARG D 76 57.13 53.55 1.44
CA ARG D 76 57.69 52.19 1.35
C ARG D 76 57.10 51.18 2.33
N ILE D 77 57.14 51.49 3.62
CA ILE D 77 56.64 50.58 4.64
C ILE D 77 55.12 50.36 4.51
N GLN D 78 54.39 51.42 4.23
CA GLN D 78 52.94 51.32 4.18
C GLN D 78 52.50 50.51 2.95
N ASP D 79 53.15 50.75 1.83
CA ASP D 79 52.93 49.98 0.60
C ASP D 79 53.07 48.49 0.87
N LEU D 80 54.15 48.11 1.56
CA LEU D 80 54.40 46.72 1.89
C LEU D 80 53.29 46.16 2.78
N GLU D 81 52.88 46.90 3.80
CA GLU D 81 51.78 46.48 4.67
C GLU D 81 50.48 46.27 3.88
N LYS D 82 50.19 47.18 2.97
CA LYS D 82 48.98 47.08 2.15
C LYS D 82 49.11 45.91 1.19
N TYR D 83 50.30 45.74 0.64
CA TYR D 83 50.56 44.68 -0.33
C TYR D 83 50.43 43.29 0.30
N VAL D 84 51.03 43.12 1.47
CA VAL D 84 50.92 41.87 2.23
C VAL D 84 49.46 41.51 2.51
N GLU D 85 48.67 42.47 3.01
CA GLU D 85 47.28 42.16 3.32
C GLU D 85 46.46 41.85 2.06
N ASP D 86 46.73 42.56 0.96
CA ASP D 86 45.95 42.34 -0.26
C ASP D 86 46.29 40.99 -0.89
N THR D 87 47.57 40.62 -0.83
CA THR D 87 48.01 39.31 -1.29
C THR D 87 47.33 38.19 -0.51
N LYS D 88 47.23 38.37 0.81
CA LYS D 88 46.62 37.39 1.69
C LYS D 88 45.13 37.18 1.39
N ILE D 89 44.40 38.28 1.23
CA ILE D 89 42.97 38.21 0.94
C ILE D 89 42.68 37.55 -0.40
N ASP D 90 43.50 37.83 -1.42
CA ASP D 90 43.31 37.22 -2.72
C ASP D 90 43.50 35.70 -2.65
N LEU D 91 44.55 35.27 -1.95
CA LEU D 91 44.83 33.85 -1.84
C LEU D 91 43.71 33.12 -1.07
N TRP D 92 43.23 33.74 0.01
CA TRP D 92 42.14 33.12 0.77
C TRP D 92 40.82 33.15 0.00
N SER D 93 40.61 34.19 -0.79
CA SER D 93 39.39 34.25 -1.60
C SER D 93 39.40 33.18 -2.68
N TYR D 94 40.56 32.98 -3.31
CA TYR D 94 40.74 31.90 -4.27
C TYR D 94 40.47 30.56 -3.58
N ASN D 95 41.08 30.34 -2.41
CA ASN D 95 40.90 29.10 -1.66
C ASN D 95 39.42 28.80 -1.39
N ALA D 96 38.70 29.82 -0.94
CA ALA D 96 37.28 29.67 -0.65
C ALA D 96 36.49 29.36 -1.92
N GLU D 97 36.79 30.08 -3.00
CA GLU D 97 36.13 29.88 -4.28
C GLU D 97 36.35 28.46 -4.80
N LEU D 98 37.60 28.00 -4.76
CA LEU D 98 37.93 26.69 -5.28
C LEU D 98 37.33 25.61 -4.41
N LEU D 99 37.38 25.82 -3.09
CA LEU D 99 36.88 24.84 -2.14
C LEU D 99 35.40 24.53 -2.42
N VAL D 100 34.58 25.58 -2.50
CA VAL D 100 33.15 25.40 -2.73
C VAL D 100 32.86 24.72 -4.08
N ALA D 101 33.59 25.12 -5.12
CA ALA D 101 33.40 24.52 -6.45
C ALA D 101 33.73 23.03 -6.46
N LEU D 102 34.83 22.65 -5.81
CA LEU D 102 35.22 21.24 -5.70
C LEU D 102 34.22 20.45 -4.89
N GLU D 103 33.88 20.97 -3.72
CA GLU D 103 32.95 20.29 -2.83
C GLU D 103 31.61 20.05 -3.52
N ASN D 104 31.12 21.05 -4.24
CA ASN D 104 29.83 20.95 -4.92
C ASN D 104 29.84 19.96 -6.08
N GLN D 105 30.92 19.95 -6.86
CA GLN D 105 31.04 19.00 -7.96
C GLN D 105 31.05 17.57 -7.41
N HIS D 106 31.71 17.39 -6.27
CA HIS D 106 31.77 16.08 -5.63
C HIS D 106 30.42 15.68 -5.00
N THR D 107 29.80 16.60 -4.28
CA THR D 107 28.52 16.34 -3.63
C THR D 107 27.46 15.90 -4.64
N ILE D 108 27.46 16.54 -5.80
CA ILE D 108 26.50 16.20 -6.84
C ILE D 108 26.81 14.81 -7.39
N ASP D 109 28.09 14.49 -7.56
CA ASP D 109 28.52 13.15 -7.96
C ASP D 109 28.14 12.07 -6.95
N VAL D 110 28.27 12.37 -5.66
CA VAL D 110 27.96 11.40 -4.62
C VAL D 110 26.46 11.10 -4.61
N THR D 111 25.64 12.15 -4.70
CA THR D 111 24.19 11.95 -4.69
C THR D 111 23.75 11.18 -5.92
N ASP D 112 24.35 11.50 -7.06
CA ASP D 112 24.09 10.76 -8.29
C ASP D 112 24.52 9.30 -8.13
N SER D 113 25.68 9.11 -7.50
CA SER D 113 26.20 7.78 -7.21
C SER D 113 25.27 6.98 -6.30
N GLU D 114 24.79 7.58 -5.21
CA GLU D 114 23.93 6.86 -4.28
C GLU D 114 22.60 6.46 -4.93
N MET D 115 22.13 7.30 -5.85
CA MET D 115 20.94 6.96 -6.62
C MET D 115 21.21 5.71 -7.45
N ASN D 116 22.35 5.70 -8.14
CA ASN D 116 22.72 4.58 -8.98
C ASN D 116 22.99 3.30 -8.17
N LYS D 117 23.55 3.44 -6.97
CA LYS D 117 23.77 2.27 -6.11
C LYS D 117 22.44 1.62 -5.73
N LEU D 118 21.45 2.45 -5.41
CA LEU D 118 20.12 1.96 -5.05
C LEU D 118 19.52 1.17 -6.22
N PHE D 119 19.51 1.77 -7.40
CA PHE D 119 18.99 1.12 -8.59
C PHE D 119 19.67 -0.22 -8.84
N GLU D 120 21.00 -0.22 -8.81
CA GLU D 120 21.77 -1.45 -9.03
C GLU D 120 21.50 -2.50 -7.97
N ARG D 121 21.29 -2.05 -6.72
CA ARG D 121 20.99 -2.96 -5.62
C ARG D 121 19.67 -3.68 -5.87
N VAL D 122 18.65 -2.96 -6.32
CA VAL D 122 17.35 -3.54 -6.58
C VAL D 122 17.45 -4.45 -7.80
N ARG D 123 18.17 -3.99 -8.82
CA ARG D 123 18.40 -4.77 -10.02
C ARG D 123 18.94 -6.17 -9.68
N ARG D 124 19.88 -6.22 -8.75
CA ARG D 124 20.50 -7.48 -8.39
C ARG D 124 19.55 -8.38 -7.57
N GLN D 125 18.68 -7.77 -6.77
CA GLN D 125 17.70 -8.55 -6.03
C GLN D 125 16.78 -9.32 -6.97
N LEU D 126 16.46 -8.70 -8.10
CA LEU D 126 15.40 -9.18 -8.98
C LEU D 126 15.85 -10.31 -9.92
N ARG D 127 17.16 -10.47 -10.06
CA ARG D 127 17.75 -11.51 -10.91
C ARG D 127 17.09 -11.56 -12.28
N GLU D 128 16.52 -12.71 -12.64
CA GLU D 128 15.95 -12.91 -13.96
C GLU D 128 14.45 -12.63 -13.99
N ASN D 129 13.91 -12.11 -12.89
CA ASN D 129 12.46 -11.95 -12.76
C ASN D 129 11.93 -10.62 -13.27
N ALA D 130 12.80 -9.76 -13.77
CA ALA D 130 12.41 -8.38 -14.09
C ALA D 130 13.31 -7.79 -15.17
N GLU D 131 12.79 -6.79 -15.87
CA GLU D 131 13.55 -6.15 -16.94
C GLU D 131 13.61 -4.63 -16.76
N ASP D 132 14.80 -4.08 -16.95
CA ASP D 132 15.01 -2.64 -16.92
C ASP D 132 14.22 -1.95 -18.04
N LYS D 133 13.27 -1.10 -17.66
CA LYS D 133 12.44 -0.38 -18.64
C LYS D 133 13.16 0.83 -19.22
N GLY D 134 14.18 1.31 -18.53
CA GLY D 134 15.03 2.37 -19.07
C GLY D 134 14.97 3.70 -18.35
N ASN D 135 13.99 3.86 -17.47
CA ASN D 135 13.79 5.11 -16.75
C ASN D 135 13.90 4.93 -15.24
N GLY D 136 14.69 3.96 -14.81
CA GLY D 136 14.80 3.64 -13.41
C GLY D 136 13.68 2.76 -12.89
N CYS D 137 12.86 2.25 -13.80
CA CYS D 137 11.77 1.34 -13.43
C CYS D 137 12.06 -0.08 -13.89
N PHE D 138 11.64 -1.05 -13.10
CA PHE D 138 11.68 -2.43 -13.52
C PHE D 138 10.28 -2.93 -13.82
N GLU D 139 10.09 -3.49 -15.00
CA GLU D 139 8.91 -4.30 -15.27
C GLU D 139 9.10 -5.64 -14.57
N ILE D 140 8.20 -5.97 -13.66
CA ILE D 140 8.25 -7.25 -12.95
C ILE D 140 7.31 -8.27 -13.62
N PHE D 141 7.87 -9.40 -14.05
CA PHE D 141 7.14 -10.34 -14.91
C PHE D 141 6.42 -11.45 -14.12
N HIS D 142 5.81 -11.09 -13.01
CA HIS D 142 5.06 -12.02 -12.19
C HIS D 142 4.19 -11.20 -11.24
N LYS D 143 3.09 -11.78 -10.76
CA LYS D 143 2.23 -11.10 -9.80
C LYS D 143 3.00 -10.78 -8.53
N CYS D 144 2.88 -9.53 -8.08
CA CYS D 144 3.66 -9.04 -6.94
C CYS D 144 2.81 -8.15 -6.04
N ASP D 145 2.28 -8.71 -4.96
CA ASP D 145 1.36 -7.97 -4.11
C ASP D 145 2.11 -7.07 -3.14
N ASN D 146 1.38 -6.40 -2.27
CA ASN D 146 1.99 -5.48 -1.33
C ASN D 146 3.09 -6.12 -0.47
N ASN D 147 2.91 -7.37 -0.08
CA ASN D 147 3.93 -8.04 0.71
C ASN D 147 5.16 -8.37 -0.14
N CYS D 148 4.90 -8.72 -1.39
CA CYS D 148 5.96 -8.95 -2.37
C CYS D 148 6.79 -7.67 -2.56
N ILE D 149 6.11 -6.56 -2.85
CA ILE D 149 6.76 -5.27 -3.03
C ILE D 149 7.62 -4.91 -1.82
N GLU D 150 7.04 -5.08 -0.63
CA GLU D 150 7.76 -4.75 0.59
C GLU D 150 8.99 -5.64 0.77
N SER D 151 8.92 -6.87 0.29
CA SER D 151 10.05 -7.78 0.40
C SER D 151 11.23 -7.31 -0.46
N ILE D 152 10.93 -6.63 -1.56
CA ILE D 152 11.95 -6.01 -2.38
C ILE D 152 12.59 -4.81 -1.68
N ARG D 153 11.75 -3.97 -1.08
CA ARG D 153 12.24 -2.76 -0.43
C ARG D 153 13.07 -3.05 0.82
N ASN D 154 12.77 -4.14 1.52
CA ASN D 154 13.51 -4.44 2.75
C ASN D 154 14.56 -5.56 2.55
N GLY D 155 14.79 -5.92 1.29
CA GLY D 155 15.83 -6.90 0.95
C GLY D 155 15.56 -8.37 1.25
N THR D 156 14.29 -8.76 1.41
CA THR D 156 13.99 -10.15 1.75
C THR D 156 13.41 -10.91 0.56
N TYR D 157 13.28 -10.23 -0.57
CA TYR D 157 12.78 -10.82 -1.80
C TYR D 157 13.63 -12.01 -2.21
N ASP D 158 12.98 -13.15 -2.36
CA ASP D 158 13.66 -14.39 -2.76
C ASP D 158 13.25 -14.72 -4.18
N HIS D 159 14.17 -14.48 -5.11
CA HIS D 159 13.86 -14.56 -6.53
C HIS D 159 13.49 -15.97 -7.00
N ASP D 160 13.93 -16.99 -6.27
CA ASP D 160 13.65 -18.37 -6.66
C ASP D 160 12.15 -18.68 -6.57
N ILE D 161 11.45 -18.03 -5.64
CA ILE D 161 10.01 -18.21 -5.44
C ILE D 161 9.21 -17.90 -6.70
N TYR D 162 9.62 -16.87 -7.44
CA TYR D 162 8.85 -16.41 -8.60
C TYR D 162 9.50 -16.68 -9.95
N ARG D 163 10.66 -17.33 -9.97
CA ARG D 163 11.45 -17.45 -11.19
C ARG D 163 10.73 -18.17 -12.32
N ASP D 164 10.13 -19.32 -12.01
CA ASP D 164 9.44 -20.11 -13.02
C ASP D 164 8.36 -19.29 -13.71
N GLU D 165 7.55 -18.60 -12.91
CA GLU D 165 6.50 -17.73 -13.43
C GLU D 165 7.09 -16.62 -14.31
N ALA D 166 8.06 -15.90 -13.78
CA ALA D 166 8.69 -14.77 -14.48
C ALA D 166 9.36 -15.17 -15.79
N ILE D 167 10.13 -16.26 -15.76
CA ILE D 167 10.83 -16.73 -16.95
C ILE D 167 9.86 -17.08 -18.07
N ASN D 168 8.76 -17.75 -17.72
CA ASN D 168 7.76 -18.11 -18.71
C ASN D 168 7.05 -16.89 -19.29
N ASN D 169 6.85 -15.86 -18.48
CA ASN D 169 6.23 -14.63 -18.97
C ASN D 169 7.14 -13.85 -19.90
N ARG D 170 8.42 -13.74 -19.54
CA ARG D 170 9.39 -12.99 -20.32
C ARG D 170 9.58 -13.54 -21.74
N PHE D 171 9.53 -14.87 -21.90
CA PHE D 171 9.99 -15.47 -23.14
C PHE D 171 8.96 -16.25 -23.95
N GLN D 172 7.69 -16.24 -23.54
CA GLN D 172 6.63 -16.88 -24.32
C GLN D 172 5.31 -16.10 -24.23
C1 NAG E . -68.55 -78.19 -8.36
C2 NAG E . -67.81 -77.82 -7.09
C3 NAG E . -68.65 -78.15 -5.85
C4 NAG E . -70.06 -77.59 -5.97
C5 NAG E . -70.67 -78.12 -7.26
C6 NAG E . -72.07 -77.64 -7.53
C7 NAG E . -65.39 -77.99 -7.48
C8 NAG E . -64.16 -78.84 -7.32
N2 NAG E . -66.54 -78.50 -7.03
O3 NAG E . -68.01 -77.62 -4.69
O4 NAG E . -70.86 -77.99 -4.86
O5 NAG E . -69.87 -77.64 -8.36
O6 NAG E . -72.42 -77.78 -8.90
O7 NAG E . -65.33 -76.87 -7.98
C1 NAG F . -35.82 -26.92 -23.41
C2 NAG F . -36.46 -27.10 -24.80
C3 NAG F . -35.42 -26.94 -25.90
C4 NAG F . -34.64 -25.65 -25.76
C5 NAG F . -34.04 -25.59 -24.36
C6 NAG F . -33.32 -24.29 -24.08
C7 NAG F . -38.41 -28.55 -25.16
C8 NAG F . -38.89 -29.97 -25.22
N2 NAG F . -37.10 -28.39 -24.89
O3 NAG F . -36.08 -26.94 -27.16
O4 NAG F . -33.62 -25.56 -26.73
O5 NAG F . -35.09 -25.67 -23.38
O6 NAG F . -33.05 -24.13 -22.69
O7 NAG F . -39.15 -27.60 -25.33
C1 NAG G . 77.49 59.39 37.19
C2 NAG G . 77.21 57.90 37.41
C3 NAG G . 78.50 57.16 37.76
C4 NAG G . 79.60 57.48 36.76
C5 NAG G . 79.75 58.98 36.60
C6 NAG G . 80.74 59.38 35.53
C7 NAG G . 74.99 57.23 38.23
C8 NAG G . 74.10 57.09 39.45
N2 NAG G . 76.21 57.71 38.46
O3 NAG G . 78.25 55.75 37.79
O4 NAG G . 80.85 56.94 37.20
O5 NAG G . 78.48 59.53 36.19
O6 NAG G . 80.38 60.63 34.95
O7 NAG G . 74.60 56.90 37.11
C1 NAG H . 29.07 41.28 1.97
C2 NAG H . 29.16 42.69 1.37
C3 NAG H . 27.78 43.33 1.23
C4 NAG H . 26.80 42.39 0.55
C5 NAG H . 26.81 41.04 1.22
C6 NAG H . 25.94 40.03 0.52
C7 NAG H . 31.13 44.12 1.76
C8 NAG H . 31.87 44.96 2.75
N2 NAG H . 30.01 43.54 2.20
O3 NAG H . 27.89 44.51 0.46
O4 NAG H . 25.49 42.95 0.58
O5 NAG H . 28.14 40.51 1.21
O6 NAG H . 26.47 38.72 0.66
O7 NAG H . 31.53 43.97 0.60
#